data_7A4O
#
_entry.id   7A4O
#
_cell.length_a   65.145
_cell.length_b   84.731
_cell.length_c   76.342
_cell.angle_alpha   90.000
_cell.angle_beta   108.210
_cell.angle_gamma   90.000
#
_symmetry.space_group_name_H-M   'P 1 21 1'
#
loop_
_entity.id
_entity.type
_entity.pdbx_description
1 polymer 'Dual specificity tyrosine-phosphorylation-regulated kinase 1A'
2 non-polymer 'PHOSPHOAMINOPHOSPHONIC ACID-ADENYLATE ESTER'
3 water water
#
_entity_poly.entity_id   1
_entity_poly.type   'polypeptide(L)'
_entity_poly.pdbx_seq_one_letter_code
;MHHHHHHSSGVDLGTENLYFQSMSSHKKERKVYNDGYDDDNYDYIVKNGEKWMDRYEIDSLIGKGSFGQVVKAYDRVEQE
WVAIKIIKNKKAFLNQAQIEVRLLELMNKHDTEMKYYIVHLKRHFMFRNHLCLVFEMLSYNLYDLLRNTNFRGVSLNLTR
KFAQQMCTALLFLATPELSIIHCDLKPENILLCNPKRSAIKIVDFGSSCQLGQRIYQ(PTR)IQSRFYRSPEVLLGMPYD
LAIDMWSLGCILVEMHTGEPLFSGANEVDQMNKIVEVLGIPPAHILDQAPKARKFFEKLPDGTWNLKKTKDGKREYKPPG
TRKLHNILGVETGGPGGRRAGESGHTVADYLKFKDLILRMLDYDPKTRIQPYYALQHSFFKKTADE
;
_entity_poly.pdbx_strand_id   A,B
#
loop_
_chem_comp.id
_chem_comp.type
_chem_comp.name
_chem_comp.formula
ANP non-polymer 'PHOSPHOAMINOPHOSPHONIC ACID-ADENYLATE ESTER' 'C10 H17 N6 O12 P3'
#
# COMPACT_ATOMS: atom_id res chain seq x y z
N TYR A 33 10.88 -9.96 -18.02
CA TYR A 33 10.51 -9.02 -16.92
C TYR A 33 10.40 -7.58 -17.50
N ASN A 34 9.17 -7.16 -17.78
CA ASN A 34 8.83 -5.78 -18.21
C ASN A 34 9.68 -5.41 -19.44
N ASP A 35 9.68 -6.28 -20.45
CA ASP A 35 10.44 -6.09 -21.72
C ASP A 35 11.93 -5.96 -21.39
N GLY A 36 12.37 -6.61 -20.30
CA GLY A 36 13.77 -6.63 -19.82
C GLY A 36 14.17 -5.39 -19.04
N TYR A 37 13.22 -4.60 -18.54
CA TYR A 37 13.53 -3.38 -17.74
C TYR A 37 13.51 -3.68 -16.24
N ASP A 38 12.92 -4.80 -15.84
CA ASP A 38 12.66 -5.13 -14.41
C ASP A 38 13.41 -6.40 -13.99
N ASP A 39 13.89 -6.42 -12.75
CA ASP A 39 14.40 -7.64 -12.12
C ASP A 39 13.22 -8.40 -11.49
N ASP A 40 13.50 -9.50 -10.77
CA ASP A 40 12.49 -10.38 -10.13
C ASP A 40 11.96 -9.74 -8.83
N ASN A 41 12.42 -8.55 -8.46
CA ASN A 41 11.85 -7.75 -7.34
C ASN A 41 10.89 -6.66 -7.82
N TYR A 42 10.55 -6.63 -9.12
CA TYR A 42 9.70 -5.60 -9.78
C TYR A 42 10.38 -4.23 -9.73
N ASP A 43 11.69 -4.18 -9.45
CA ASP A 43 12.49 -2.94 -9.51
C ASP A 43 12.96 -2.71 -10.94
N TYR A 44 13.02 -1.44 -11.34
CA TYR A 44 13.65 -1.01 -12.59
C TYR A 44 15.14 -1.34 -12.48
N ILE A 45 15.73 -1.82 -13.56
CA ILE A 45 17.18 -2.17 -13.57
C ILE A 45 17.91 -0.90 -13.97
N VAL A 46 18.46 -0.18 -12.99
CA VAL A 46 19.08 1.15 -13.17
C VAL A 46 20.38 0.96 -13.94
N LYS A 47 20.54 1.77 -14.98
CA LYS A 47 21.78 1.85 -15.78
C LYS A 47 22.31 3.28 -15.64
N ASN A 48 23.46 3.44 -14.98
CA ASN A 48 24.17 4.74 -14.88
C ASN A 48 24.39 5.24 -16.32
N GLY A 49 23.98 6.48 -16.59
CA GLY A 49 24.20 7.13 -17.89
C GLY A 49 22.99 7.05 -18.78
N GLU A 50 21.98 6.26 -18.43
CA GLU A 50 20.75 6.15 -19.24
C GLU A 50 20.08 7.54 -19.29
N LYS A 51 19.45 7.86 -20.41
CA LYS A 51 18.71 9.12 -20.64
C LYS A 51 17.24 8.76 -20.83
N TRP A 52 16.34 9.49 -20.19
CA TRP A 52 14.88 9.27 -20.20
C TRP A 52 14.17 10.44 -20.90
N MET A 53 13.29 10.13 -21.84
CA MET A 53 12.35 11.11 -22.45
C MET A 53 13.18 12.29 -23.03
N ASP A 54 14.41 12.01 -23.43
CA ASP A 54 15.38 13.00 -23.96
C ASP A 54 15.56 14.16 -22.95
N ARG A 55 15.43 13.90 -21.63
CA ARG A 55 15.34 14.98 -20.61
C ARG A 55 16.23 14.66 -19.41
N TYR A 56 16.05 13.49 -18.80
CA TYR A 56 16.72 13.11 -17.54
C TYR A 56 17.91 12.21 -17.85
N GLU A 57 19.07 12.57 -17.31
CA GLU A 57 20.27 11.70 -17.36
C GLU A 57 20.41 11.06 -15.98
N ILE A 58 20.18 9.76 -15.89
CA ILE A 58 20.33 8.98 -14.63
C ILE A 58 21.83 8.95 -14.33
N ASP A 59 22.22 9.51 -13.19
CA ASP A 59 23.61 9.52 -12.73
C ASP A 59 23.92 8.25 -11.91
N SER A 60 23.12 7.96 -10.88
CA SER A 60 23.39 6.85 -9.94
C SER A 60 22.18 6.54 -9.05
N LEU A 61 22.23 5.36 -8.44
CA LEU A 61 21.34 4.92 -7.34
C LEU A 61 21.75 5.60 -6.04
N ILE A 62 20.87 6.34 -5.38
CA ILE A 62 21.19 7.00 -4.10
C ILE A 62 20.36 6.37 -2.98
N GLY A 63 19.46 5.43 -3.27
CA GLY A 63 18.51 4.92 -2.26
C GLY A 63 17.74 3.70 -2.72
N LYS A 64 17.35 2.85 -1.78
CA LYS A 64 16.58 1.62 -2.04
C LYS A 64 15.72 1.32 -0.80
N GLY A 65 14.54 0.75 -1.01
CA GLY A 65 13.54 0.46 0.03
C GLY A 65 12.51 -0.53 -0.49
N SER A 66 11.49 -0.82 0.34
CA SER A 66 10.39 -1.74 -0.01
C SER A 66 9.67 -1.19 -1.23
N PHE A 67 9.50 0.13 -1.27
CA PHE A 67 8.77 0.91 -2.31
C PHE A 67 9.42 0.76 -3.69
N GLY A 68 10.76 0.61 -3.72
CA GLY A 68 11.57 0.68 -4.96
C GLY A 68 12.89 1.39 -4.73
N GLN A 69 13.25 2.31 -5.61
CA GLN A 69 14.62 2.89 -5.67
C GLN A 69 14.55 4.41 -5.79
N VAL A 70 15.62 5.09 -5.36
CA VAL A 70 15.79 6.53 -5.59
C VAL A 70 17.09 6.71 -6.38
N VAL A 71 17.02 7.43 -7.50
CA VAL A 71 18.21 7.74 -8.33
C VAL A 71 18.44 9.26 -8.34
N LYS A 72 19.70 9.64 -8.48
CA LYS A 72 20.12 11.03 -8.81
C LYS A 72 20.08 11.18 -10.33
N ALA A 73 19.46 12.25 -10.82
CA ALA A 73 19.28 12.47 -12.26
C ALA A 73 19.47 13.97 -12.55
N TYR A 74 20.10 14.30 -13.67
CA TYR A 74 20.20 15.69 -14.18
C TYR A 74 19.05 15.93 -15.13
N ASP A 75 18.25 16.94 -14.82
CA ASP A 75 17.10 17.39 -15.64
C ASP A 75 17.60 18.45 -16.62
N ARG A 76 17.86 18.05 -17.87
CA ARG A 76 18.43 18.92 -18.92
C ARG A 76 17.51 20.12 -19.16
N VAL A 77 16.21 19.93 -19.04
CA VAL A 77 15.21 20.99 -19.38
C VAL A 77 15.27 22.06 -18.29
N GLU A 78 15.33 21.71 -17.02
CA GLU A 78 15.31 22.70 -15.91
C GLU A 78 16.75 23.03 -15.49
N GLN A 79 17.75 22.31 -16.02
CA GLN A 79 19.20 22.56 -15.77
C GLN A 79 19.51 22.39 -14.27
N GLU A 80 19.02 21.31 -13.65
CA GLU A 80 19.19 21.09 -12.19
C GLU A 80 19.20 19.59 -11.89
N TRP A 81 19.81 19.22 -10.78
CA TRP A 81 19.81 17.85 -10.24
C TRP A 81 18.46 17.58 -9.55
N VAL A 82 17.95 16.36 -9.68
CA VAL A 82 16.68 15.93 -9.06
C VAL A 82 16.91 14.55 -8.47
N ALA A 83 16.09 14.15 -7.49
CA ALA A 83 16.02 12.77 -6.98
C ALA A 83 14.73 12.14 -7.53
N ILE A 84 14.85 11.04 -8.27
CA ILE A 84 13.67 10.35 -8.86
C ILE A 84 13.48 9.06 -8.07
N LYS A 85 12.35 8.97 -7.42
CA LYS A 85 11.92 7.77 -6.68
C LYS A 85 11.15 6.95 -7.68
N ILE A 86 11.68 5.77 -8.02
CA ILE A 86 11.17 4.82 -9.03
C ILE A 86 10.41 3.74 -8.23
N ILE A 87 9.10 3.83 -8.26
CA ILE A 87 8.22 2.87 -7.52
C ILE A 87 8.27 1.51 -8.23
N LYS A 88 8.30 0.44 -7.47
CA LYS A 88 8.18 -0.92 -8.06
C LYS A 88 6.95 -1.02 -8.95
N ASN A 89 7.11 -1.74 -10.05
CA ASN A 89 6.07 -2.13 -11.03
C ASN A 89 5.20 -3.24 -10.44
N LYS A 90 4.41 -2.91 -9.43
CA LYS A 90 3.51 -3.82 -8.68
C LYS A 90 2.35 -2.98 -8.14
N LYS A 91 1.10 -3.44 -8.30
CA LYS A 91 -0.13 -2.59 -8.10
C LYS A 91 -0.11 -1.97 -6.70
N ALA A 92 0.16 -2.76 -5.66
CA ALA A 92 0.07 -2.33 -4.25
C ALA A 92 1.03 -1.18 -4.00
N PHE A 93 2.24 -1.22 -4.58
CA PHE A 93 3.25 -0.16 -4.37
C PHE A 93 2.81 1.07 -5.17
N LEU A 94 2.29 0.85 -6.38
CA LEU A 94 1.80 1.96 -7.24
C LEU A 94 0.65 2.67 -6.53
N ASN A 95 -0.23 1.93 -5.89
CA ASN A 95 -1.42 2.52 -5.19
C ASN A 95 -0.94 3.32 -3.97
N GLN A 96 -0.02 2.77 -3.20
CA GLN A 96 0.55 3.49 -2.03
C GLN A 96 1.23 4.78 -2.51
N ALA A 97 1.98 4.71 -3.60
CA ALA A 97 2.69 5.89 -4.12
C ALA A 97 1.67 6.94 -4.57
N GLN A 98 0.49 6.56 -5.06
CA GLN A 98 -0.55 7.53 -5.50
C GLN A 98 -1.06 8.28 -4.26
N ILE A 99 -1.18 7.56 -3.14
CA ILE A 99 -1.47 8.23 -1.83
C ILE A 99 -0.33 9.19 -1.48
N GLU A 100 0.92 8.74 -1.55
CA GLU A 100 2.08 9.61 -1.26
C GLU A 100 2.02 10.85 -2.17
N VAL A 101 1.73 10.67 -3.47
CA VAL A 101 1.64 11.84 -4.41
C VAL A 101 0.55 12.80 -3.92
N ARG A 102 -0.57 12.25 -3.48
CA ARG A 102 -1.77 13.06 -3.09
C ARG A 102 -1.39 13.92 -1.87
N LEU A 103 -0.71 13.32 -0.88
CA LEU A 103 -0.32 14.02 0.36
C LEU A 103 0.74 15.07 0.03
N LEU A 104 1.72 14.72 -0.80
CA LEU A 104 2.79 15.69 -1.15
C LEU A 104 2.17 16.89 -1.88
N GLU A 105 1.22 16.66 -2.78
CA GLU A 105 0.59 17.77 -3.53
C GLU A 105 -0.23 18.64 -2.55
N LEU A 106 -1.01 18.02 -1.65
CA LEU A 106 -1.71 18.72 -0.53
C LEU A 106 -0.76 19.66 0.20
N MET A 107 0.38 19.15 0.65
CA MET A 107 1.35 19.91 1.48
C MET A 107 2.02 21.00 0.63
N ASN A 108 2.54 20.64 -0.55
CA ASN A 108 3.39 21.51 -1.40
C ASN A 108 2.51 22.71 -1.82
N LYS A 109 1.18 22.52 -1.91
CA LYS A 109 0.29 23.61 -2.40
C LYS A 109 -0.13 24.58 -1.28
N HIS A 110 0.07 24.28 0.01
CA HIS A 110 -0.40 25.18 1.11
C HIS A 110 0.27 26.56 1.03
N ASP A 111 -0.44 27.60 1.46
CA ASP A 111 -0.05 29.03 1.24
C ASP A 111 0.72 29.57 2.47
N THR A 112 1.45 28.71 3.18
CA THR A 112 2.27 29.05 4.37
C THR A 112 3.75 28.79 4.04
N GLU A 113 4.67 29.53 4.67
CA GLU A 113 6.13 29.28 4.49
C GLU A 113 6.53 28.06 5.33
N MET A 114 5.64 27.55 6.21
CA MET A 114 5.93 26.33 7.03
C MET A 114 6.10 25.10 6.12
N LYS A 115 5.50 25.13 4.93
CA LYS A 115 5.57 23.99 3.96
C LYS A 115 7.01 23.74 3.51
N TYR A 116 7.95 24.69 3.70
CA TYR A 116 9.34 24.51 3.23
C TYR A 116 10.14 23.57 4.15
N TYR A 117 9.54 23.02 5.21
CA TYR A 117 10.18 21.98 6.06
C TYR A 117 9.88 20.60 5.48
N ILE A 118 9.10 20.52 4.41
CA ILE A 118 8.68 19.24 3.78
C ILE A 118 9.34 19.20 2.42
N VAL A 119 9.88 18.06 2.03
CA VAL A 119 10.52 17.91 0.69
C VAL A 119 9.52 18.30 -0.41
N HIS A 120 10.00 18.97 -1.43
CA HIS A 120 9.20 19.41 -2.61
C HIS A 120 9.18 18.33 -3.68
N LEU A 121 7.99 17.80 -3.97
CA LEU A 121 7.68 16.96 -5.16
C LEU A 121 7.48 17.88 -6.36
N LYS A 122 8.40 17.87 -7.31
CA LYS A 122 8.36 18.74 -8.52
C LYS A 122 7.29 18.25 -9.49
N ARG A 123 7.21 16.94 -9.73
CA ARG A 123 6.21 16.32 -10.63
C ARG A 123 6.28 14.81 -10.49
N HIS A 124 5.38 14.11 -11.15
CA HIS A 124 5.41 12.64 -11.21
C HIS A 124 5.02 12.20 -12.62
N PHE A 125 5.46 11.02 -13.05
CA PHE A 125 5.08 10.48 -14.37
C PHE A 125 5.22 8.95 -14.32
N MET A 126 4.58 8.30 -15.28
CA MET A 126 4.66 6.85 -15.53
C MET A 126 5.70 6.65 -16.63
N PHE A 127 6.72 5.85 -16.38
CA PHE A 127 7.82 5.59 -17.32
C PHE A 127 8.15 4.10 -17.26
N ARG A 128 8.00 3.42 -18.39
CA ARG A 128 8.33 1.97 -18.52
C ARG A 128 7.67 1.20 -17.38
N ASN A 129 6.39 1.52 -17.12
CA ASN A 129 5.48 0.81 -16.18
C ASN A 129 5.88 1.06 -14.71
N HIS A 130 6.70 2.07 -14.44
CA HIS A 130 7.06 2.49 -13.06
C HIS A 130 6.49 3.88 -12.83
N LEU A 131 5.79 4.10 -11.71
CA LEU A 131 5.50 5.49 -11.25
C LEU A 131 6.82 6.10 -10.71
N CYS A 132 7.16 7.29 -11.20
CA CYS A 132 8.39 8.05 -10.86
C CYS A 132 7.96 9.36 -10.17
N LEU A 133 8.39 9.56 -8.93
CA LEU A 133 8.21 10.84 -8.22
C LEU A 133 9.51 11.66 -8.35
N VAL A 134 9.40 12.86 -8.88
CA VAL A 134 10.59 13.73 -9.09
C VAL A 134 10.65 14.74 -7.94
N PHE A 135 11.69 14.66 -7.13
CA PHE A 135 11.88 15.50 -5.94
C PHE A 135 13.05 16.46 -6.17
N GLU A 136 13.03 17.58 -5.49
CA GLU A 136 14.25 18.37 -5.25
C GLU A 136 15.33 17.47 -4.65
N MET A 137 16.58 17.72 -5.01
CA MET A 137 17.76 17.01 -4.45
C MET A 137 18.06 17.66 -3.11
N LEU A 138 18.09 16.89 -2.03
CA LEU A 138 18.51 17.37 -0.69
C LEU A 138 19.91 16.80 -0.43
N SER A 139 20.45 16.94 0.77
CA SER A 139 21.83 16.53 1.11
C SER A 139 21.78 15.30 2.04
N TYR A 140 22.80 15.16 2.90
CA TYR A 140 22.95 14.10 3.93
C TYR A 140 21.74 14.07 4.87
N ASN A 141 21.40 12.89 5.38
CA ASN A 141 20.36 12.74 6.44
C ASN A 141 21.03 12.94 7.81
N LEU A 142 20.21 13.06 8.86
CA LEU A 142 20.76 13.38 10.20
C LEU A 142 21.55 12.17 10.72
N TYR A 143 21.29 10.96 10.21
CA TYR A 143 22.10 9.77 10.60
C TYR A 143 23.53 9.92 10.07
N ASP A 144 23.68 10.32 8.81
CA ASP A 144 25.00 10.65 8.21
C ASP A 144 25.70 11.67 9.09
N LEU A 145 24.99 12.70 9.52
CA LEU A 145 25.55 13.78 10.37
C LEU A 145 26.00 13.17 11.71
N LEU A 146 25.23 12.25 12.28
CA LEU A 146 25.67 11.55 13.52
C LEU A 146 26.93 10.69 13.28
N ARG A 147 26.97 9.93 12.20
CA ARG A 147 28.15 9.15 11.76
C ARG A 147 29.36 10.07 11.63
N ASN A 148 29.17 11.29 11.14
CA ASN A 148 30.24 12.29 11.02
C ASN A 148 30.77 12.77 12.37
N THR A 149 29.96 12.74 13.44
CA THR A 149 30.42 13.06 14.81
C THR A 149 31.03 11.82 15.48
N ASN A 150 31.09 10.68 14.78
CA ASN A 150 31.51 9.39 15.37
C ASN A 150 30.55 9.05 16.51
N PHE A 151 29.27 9.41 16.35
CA PHE A 151 28.19 9.00 17.29
C PHE A 151 28.50 9.60 18.66
N ARG A 152 29.03 10.82 18.69
CA ARG A 152 29.23 11.61 19.94
C ARG A 152 28.26 12.79 19.99
N GLY A 153 27.50 13.06 18.93
CA GLY A 153 26.38 14.03 18.95
C GLY A 153 26.80 15.43 18.52
N VAL A 154 25.84 16.24 18.16
CA VAL A 154 26.05 17.66 17.76
C VAL A 154 25.75 18.50 18.99
N SER A 155 26.15 19.77 18.96
CA SER A 155 26.00 20.71 20.08
C SER A 155 24.52 20.88 20.40
N LEU A 156 24.24 21.38 21.60
CA LEU A 156 22.88 21.71 22.05
C LEU A 156 22.32 22.84 21.18
N ASN A 157 23.16 23.75 20.71
CA ASN A 157 22.72 24.86 19.82
C ASN A 157 22.23 24.31 18.49
N LEU A 158 22.93 23.35 17.90
CA LEU A 158 22.50 22.77 16.61
C LEU A 158 21.27 21.88 16.88
N THR A 159 21.23 21.18 18.00
CA THR A 159 20.06 20.36 18.40
C THR A 159 18.83 21.29 18.43
N ARG A 160 18.98 22.47 19.01
CA ARG A 160 17.89 23.46 19.15
C ARG A 160 17.40 23.90 17.76
N LYS A 161 18.32 24.17 16.84
CA LYS A 161 17.95 24.58 15.47
C LYS A 161 17.11 23.47 14.82
N PHE A 162 17.54 22.21 14.94
CA PHE A 162 16.82 21.05 14.34
C PHE A 162 15.44 20.91 15.02
N ALA A 163 15.41 21.06 16.36
CA ALA A 163 14.17 20.92 17.14
C ALA A 163 13.13 21.96 16.69
N GLN A 164 13.55 23.21 16.51
CA GLN A 164 12.65 24.33 16.15
C GLN A 164 12.06 24.05 14.79
N GLN A 165 12.87 23.58 13.84
CA GLN A 165 12.41 23.28 12.47
C GLN A 165 11.42 22.10 12.49
N MET A 166 11.77 21.04 13.20
CA MET A 166 10.92 19.83 13.25
C MET A 166 9.58 20.16 13.95
N CYS A 167 9.61 20.97 15.00
CA CYS A 167 8.34 21.36 15.70
C CYS A 167 7.47 22.16 14.74
N THR A 168 8.09 23.01 13.94
CA THR A 168 7.37 23.84 12.93
C THR A 168 6.83 22.92 11.82
N ALA A 169 7.60 21.89 11.41
CA ALA A 169 7.08 20.90 10.45
C ALA A 169 5.86 20.22 11.04
N LEU A 170 5.90 19.84 12.31
CA LEU A 170 4.79 19.05 12.89
C LEU A 170 3.58 19.96 13.09
N LEU A 171 3.81 21.24 13.36
CA LEU A 171 2.74 22.28 13.44
C LEU A 171 2.03 22.36 12.10
N PHE A 172 2.83 22.39 11.03
CA PHE A 172 2.30 22.39 9.65
C PHE A 172 1.47 21.12 9.39
N LEU A 173 2.02 19.93 9.66
CA LEU A 173 1.35 18.66 9.31
C LEU A 173 0.02 18.54 10.05
N ALA A 174 -0.10 19.13 11.23
CA ALA A 174 -1.29 19.00 12.08
C ALA A 174 -2.32 20.08 11.71
N THR A 175 -2.04 20.97 10.75
CA THR A 175 -3.10 21.82 10.12
C THR A 175 -4.33 20.95 9.81
N PRO A 176 -5.55 21.35 10.23
CA PRO A 176 -6.72 20.49 10.12
C PRO A 176 -6.97 19.89 8.72
N GLU A 177 -6.80 20.69 7.68
CA GLU A 177 -6.98 20.33 6.25
C GLU A 177 -5.98 19.23 5.88
N LEU A 178 -4.82 19.19 6.56
CA LEU A 178 -3.76 18.19 6.30
C LEU A 178 -3.94 16.99 7.24
N SER A 179 -3.77 17.19 8.55
CA SER A 179 -3.85 16.12 9.59
C SER A 179 -3.02 14.92 9.15
N ILE A 180 -1.81 15.18 8.66
CA ILE A 180 -0.90 14.11 8.15
C ILE A 180 -0.06 13.57 9.34
N ILE A 181 -0.13 12.27 9.55
CA ILE A 181 0.82 11.53 10.41
C ILE A 181 1.94 10.98 9.54
N HIS A 182 3.18 11.37 9.81
CA HIS A 182 4.33 10.90 9.00
C HIS A 182 4.49 9.39 9.17
N CYS A 183 4.49 8.93 10.43
CA CYS A 183 4.48 7.51 10.87
C CYS A 183 5.88 6.89 10.79
N ASP A 184 6.91 7.59 10.34
CA ASP A 184 8.25 6.95 10.31
C ASP A 184 9.31 8.02 10.50
N LEU A 185 9.12 8.92 11.46
CA LEU A 185 10.18 9.90 11.78
C LEU A 185 11.37 9.20 12.43
N LYS A 186 12.57 9.52 11.93
CA LYS A 186 13.84 8.92 12.37
C LYS A 186 14.95 9.73 11.70
N PRO A 187 16.19 9.67 12.19
CA PRO A 187 17.24 10.53 11.65
C PRO A 187 17.40 10.36 10.12
N GLU A 188 17.22 9.14 9.62
CA GLU A 188 17.40 8.80 8.17
C GLU A 188 16.32 9.50 7.33
N ASN A 189 15.17 9.91 7.91
CA ASN A 189 14.07 10.55 7.14
C ASN A 189 14.06 12.07 7.34
N ILE A 190 15.13 12.63 7.93
CA ILE A 190 15.32 14.08 8.07
C ILE A 190 16.60 14.44 7.35
N LEU A 191 16.51 15.30 6.31
CA LEU A 191 17.66 15.58 5.40
C LEU A 191 18.02 17.05 5.50
N LEU A 192 19.31 17.32 5.54
CA LEU A 192 19.85 18.67 5.39
C LEU A 192 19.47 19.12 3.98
N CYS A 193 19.10 20.37 3.80
CA CYS A 193 18.97 20.97 2.44
C CYS A 193 20.31 20.85 1.72
N ASN A 194 21.40 21.08 2.45
CA ASN A 194 22.79 21.20 1.91
C ASN A 194 23.78 20.96 3.03
N PRO A 195 25.03 20.58 2.69
CA PRO A 195 26.04 20.24 3.72
C PRO A 195 26.56 21.41 4.56
N LYS A 196 26.17 22.65 4.25
CA LYS A 196 26.80 23.84 4.88
C LYS A 196 25.85 24.45 5.93
N ARG A 197 24.54 24.25 5.81
CA ARG A 197 23.52 24.97 6.63
C ARG A 197 22.88 24.00 7.63
N SER A 198 22.16 24.54 8.61
CA SER A 198 21.37 23.74 9.60
C SER A 198 19.93 23.54 9.10
N ALA A 199 19.56 24.09 7.95
CA ALA A 199 18.21 23.95 7.35
C ALA A 199 17.91 22.47 7.05
N ILE A 200 16.73 21.97 7.45
CA ILE A 200 16.36 20.55 7.22
C ILE A 200 14.97 20.46 6.61
N LYS A 201 14.68 19.29 6.03
CA LYS A 201 13.33 18.90 5.54
C LYS A 201 13.05 17.45 5.92
N ILE A 202 11.79 17.15 6.15
CA ILE A 202 11.27 15.77 6.28
C ILE A 202 11.06 15.18 4.88
N VAL A 203 11.50 13.94 4.69
CA VAL A 203 11.26 13.18 3.44
C VAL A 203 10.52 11.90 3.80
N ASP A 204 10.13 11.19 2.76
CA ASP A 204 9.58 9.82 2.81
C ASP A 204 8.21 9.80 3.50
N PHE A 205 7.21 10.30 2.77
CA PHE A 205 5.79 10.26 3.16
C PHE A 205 5.13 9.01 2.59
N GLY A 206 5.93 7.99 2.27
CA GLY A 206 5.45 6.74 1.65
C GLY A 206 4.63 5.89 2.60
N SER A 207 4.78 6.07 3.91
CA SER A 207 4.07 5.29 4.94
C SER A 207 3.06 6.18 5.67
N SER A 208 2.90 7.40 5.19
CA SER A 208 2.12 8.45 5.90
C SER A 208 0.65 8.24 5.63
N CYS A 209 -0.20 8.81 6.47
CA CYS A 209 -1.67 8.78 6.32
C CYS A 209 -2.27 10.05 6.94
N GLN A 210 -3.51 10.33 6.61
CA GLN A 210 -4.28 11.42 7.28
C GLN A 210 -5.03 10.77 8.45
N LEU A 211 -5.09 11.46 9.59
CA LEU A 211 -5.97 11.11 10.74
C LEU A 211 -7.36 10.74 10.20
N GLY A 212 -7.93 9.65 10.69
CA GLY A 212 -9.16 9.06 10.14
C GLY A 212 -9.80 8.25 11.23
N GLN A 213 -10.55 7.20 10.89
CA GLN A 213 -11.00 6.21 11.90
C GLN A 213 -9.70 5.67 12.52
N ARG A 214 -9.48 5.95 13.81
CA ARG A 214 -8.21 5.60 14.52
C ARG A 214 -8.13 4.07 14.53
N ILE A 215 -7.02 3.52 14.02
CA ILE A 215 -6.78 2.04 13.90
C ILE A 215 -5.37 1.76 14.42
N TYR A 216 -5.17 0.58 15.02
CA TYR A 216 -3.82 0.06 15.35
C TYR A 216 -3.22 -0.52 14.07
N GLN A 217 -1.95 -0.26 13.83
CA GLN A 217 -1.11 -1.02 12.89
C GLN A 217 0.31 -1.04 13.46
N PTR A 218 1.10 -2.01 12.99
CA PTR A 218 2.49 -2.13 13.44
C PTR A 218 3.29 -1.16 12.60
O PTR A 218 3.59 -1.48 11.45
CB PTR A 218 2.91 -3.58 13.29
CG PTR A 218 4.35 -3.97 13.53
CD1 PTR A 218 5.21 -4.15 12.46
CD2 PTR A 218 4.81 -4.20 14.80
CE1 PTR A 218 6.50 -4.63 12.64
CE2 PTR A 218 6.11 -4.64 15.03
CZ PTR A 218 6.94 -4.85 13.94
OH PTR A 218 8.24 -5.35 14.16
P PTR A 218 9.56 -4.51 14.42
O1P PTR A 218 10.66 -5.41 13.98
O2P PTR A 218 9.40 -3.27 13.53
O3P PTR A 218 9.55 -4.17 15.87
N ILE A 219 3.53 0.05 13.13
CA ILE A 219 4.13 1.13 12.36
C ILE A 219 5.23 1.79 13.19
N GLN A 220 5.93 2.71 12.55
CA GLN A 220 7.10 3.47 13.04
C GLN A 220 8.28 2.50 13.13
N SER A 221 9.49 3.00 12.98
CA SER A 221 10.72 2.20 13.19
C SER A 221 10.85 1.99 14.69
N ARG A 222 11.15 0.75 15.10
CA ARG A 222 11.10 0.31 16.51
C ARG A 222 11.72 1.33 17.47
N PHE A 223 12.89 1.90 17.20
CA PHE A 223 13.57 2.74 18.23
C PHE A 223 12.75 3.99 18.52
N TYR A 224 11.92 4.38 17.54
CA TYR A 224 11.19 5.68 17.52
C TYR A 224 9.70 5.42 17.69
N ARG A 225 9.33 4.19 18.07
CA ARG A 225 7.91 3.75 18.11
C ARG A 225 7.32 4.21 19.43
N SER A 226 6.15 4.85 19.36
CA SER A 226 5.42 5.42 20.51
C SER A 226 4.87 4.29 21.37
N PRO A 227 4.67 4.55 22.68
CA PRO A 227 4.13 3.51 23.57
C PRO A 227 2.70 3.12 23.16
N GLU A 228 1.90 4.04 22.61
CA GLU A 228 0.51 3.68 22.21
C GLU A 228 0.60 2.62 21.10
N VAL A 229 1.58 2.73 20.18
CA VAL A 229 1.68 1.74 19.05
C VAL A 229 2.23 0.43 19.61
N LEU A 230 3.24 0.50 20.50
CA LEU A 230 3.78 -0.73 21.17
C LEU A 230 2.64 -1.48 21.86
N LEU A 231 1.70 -0.75 22.45
CA LEU A 231 0.59 -1.27 23.30
C LEU A 231 -0.63 -1.67 22.47
N GLY A 232 -0.58 -1.52 21.15
CA GLY A 232 -1.65 -1.98 20.23
C GLY A 232 -2.84 -1.05 20.24
N MET A 233 -2.63 0.20 20.62
CA MET A 233 -3.71 1.21 20.72
C MET A 233 -3.77 2.00 19.42
N PRO A 234 -4.93 2.60 19.12
CA PRO A 234 -5.09 3.44 17.94
C PRO A 234 -4.21 4.69 18.09
N TYR A 235 -3.69 5.22 16.98
CA TYR A 235 -2.67 6.30 16.99
C TYR A 235 -3.21 7.57 16.31
N ASP A 236 -2.58 8.70 16.64
CA ASP A 236 -2.92 10.02 16.08
C ASP A 236 -1.60 10.78 15.86
N LEU A 237 -1.67 12.08 15.66
CA LEU A 237 -0.46 12.84 15.23
C LEU A 237 0.60 12.85 16.34
N ALA A 238 0.22 12.53 17.57
CA ALA A 238 1.13 12.58 18.73
C ALA A 238 2.27 11.57 18.56
N ILE A 239 2.07 10.48 17.82
CA ILE A 239 3.14 9.46 17.62
C ILE A 239 4.36 10.14 16.98
N ASP A 240 4.16 11.17 16.15
CA ASP A 240 5.29 11.89 15.51
C ASP A 240 6.06 12.69 16.57
N MET A 241 5.39 13.26 17.57
CA MET A 241 6.07 14.05 18.62
C MET A 241 6.91 13.12 19.50
N TRP A 242 6.41 11.92 19.81
CA TRP A 242 7.21 10.89 20.52
C TRP A 242 8.51 10.61 19.75
N SER A 243 8.41 10.31 18.47
CA SER A 243 9.58 10.05 17.58
C SER A 243 10.53 11.25 17.65
N LEU A 244 9.98 12.46 17.60
CA LEU A 244 10.82 13.69 17.69
C LEU A 244 11.60 13.72 19.00
N GLY A 245 10.98 13.46 20.17
CA GLY A 245 11.69 13.45 21.46
C GLY A 245 12.90 12.52 21.43
N CYS A 246 12.69 11.31 20.91
CA CYS A 246 13.74 10.28 20.78
C CYS A 246 14.84 10.79 19.86
N ILE A 247 14.47 11.40 18.74
CA ILE A 247 15.44 11.87 17.71
C ILE A 247 16.31 12.95 18.34
N LEU A 248 15.70 13.91 19.07
CA LEU A 248 16.45 15.08 19.57
C LEU A 248 17.49 14.64 20.61
N VAL A 249 17.16 13.70 21.51
CA VAL A 249 18.13 13.17 22.49
C VAL A 249 19.28 12.49 21.75
N GLU A 250 18.98 11.62 20.79
CA GLU A 250 20.00 10.98 19.93
C GLU A 250 20.90 12.01 19.23
N MET A 251 20.36 13.10 18.70
CA MET A 251 21.16 14.08 17.94
C MET A 251 22.21 14.66 18.89
N HIS A 252 21.87 14.85 20.16
CA HIS A 252 22.80 15.45 21.15
C HIS A 252 23.76 14.39 21.74
N THR A 253 23.29 13.21 22.09
CA THR A 253 24.14 12.17 22.72
C THR A 253 24.96 11.39 21.68
N GLY A 254 24.47 11.30 20.44
CA GLY A 254 25.09 10.52 19.36
C GLY A 254 24.50 9.12 19.22
N GLU A 255 23.63 8.70 20.12
CA GLU A 255 23.10 7.33 20.11
C GLU A 255 21.60 7.28 20.36
N PRO A 256 20.90 6.25 19.84
CA PRO A 256 19.47 6.10 20.05
C PRO A 256 19.16 6.04 21.55
N LEU A 257 18.14 6.77 21.99
CA LEU A 257 17.71 6.82 23.41
C LEU A 257 17.19 5.44 23.82
N PHE A 258 16.40 4.78 22.98
CA PHE A 258 15.73 3.48 23.27
C PHE A 258 16.02 2.51 22.13
N SER A 259 17.10 1.75 22.23
CA SER A 259 17.54 0.84 21.16
C SER A 259 17.08 -0.59 21.44
N GLY A 260 15.77 -0.86 21.35
CA GLY A 260 15.20 -2.20 21.55
C GLY A 260 15.57 -3.19 20.44
N ALA A 261 15.91 -4.42 20.84
CA ALA A 261 16.18 -5.58 19.95
C ALA A 261 14.87 -6.20 19.45
N ASN A 262 13.75 -5.91 20.11
CA ASN A 262 12.36 -6.40 19.83
C ASN A 262 11.41 -5.50 20.65
N GLU A 263 10.11 -5.69 20.53
CA GLU A 263 9.10 -4.84 21.22
C GLU A 263 9.19 -4.96 22.76
N VAL A 264 9.43 -6.15 23.31
CA VAL A 264 9.52 -6.31 24.79
C VAL A 264 10.75 -5.51 25.27
N ASP A 265 11.88 -5.65 24.58
CA ASP A 265 13.13 -4.95 24.92
C ASP A 265 12.90 -3.44 24.76
N GLN A 266 12.19 -3.03 23.70
CA GLN A 266 11.87 -1.61 23.43
C GLN A 266 11.10 -1.03 24.62
N MET A 267 9.96 -1.63 25.01
CA MET A 267 9.15 -1.17 26.16
C MET A 267 9.98 -1.20 27.45
N ASN A 268 10.75 -2.28 27.70
CA ASN A 268 11.63 -2.35 28.91
C ASN A 268 12.62 -1.17 28.92
N LYS A 269 13.19 -0.82 27.76
CA LYS A 269 14.17 0.32 27.72
C LYS A 269 13.46 1.66 27.95
N ILE A 270 12.22 1.80 27.50
CA ILE A 270 11.41 3.04 27.74
C ILE A 270 11.13 3.12 29.25
N VAL A 271 10.79 1.99 29.87
CA VAL A 271 10.45 1.96 31.31
C VAL A 271 11.69 2.24 32.17
N GLU A 272 12.87 1.79 31.75
CA GLU A 272 14.15 2.10 32.45
C GLU A 272 14.21 3.62 32.66
N VAL A 273 13.83 4.40 31.65
CA VAL A 273 13.92 5.89 31.71
C VAL A 273 12.66 6.46 32.36
N LEU A 274 11.46 6.06 31.93
CA LEU A 274 10.25 6.84 32.22
C LEU A 274 9.37 6.20 33.31
N GLY A 275 9.71 5.03 33.82
CA GLY A 275 8.88 4.34 34.82
C GLY A 275 7.71 3.61 34.20
N ILE A 276 6.87 3.01 35.04
CA ILE A 276 5.71 2.19 34.58
C ILE A 276 4.70 3.18 34.01
N PRO A 277 4.10 2.92 32.84
CA PRO A 277 3.07 3.79 32.30
C PRO A 277 1.89 3.90 33.24
N PRO A 278 1.11 5.00 33.19
CA PRO A 278 -0.10 5.12 34.00
C PRO A 278 -1.07 3.95 33.79
N ALA A 279 -1.71 3.56 34.88
CA ALA A 279 -2.74 2.49 34.93
C ALA A 279 -3.85 2.78 33.90
N HIS A 280 -4.31 4.01 33.80
CA HIS A 280 -5.44 4.36 32.89
C HIS A 280 -5.04 4.09 31.42
N ILE A 281 -3.74 4.12 31.08
CA ILE A 281 -3.31 3.74 29.71
C ILE A 281 -3.36 2.21 29.65
N LEU A 282 -2.66 1.52 30.54
CA LEU A 282 -2.50 0.04 30.45
C LEU A 282 -3.87 -0.66 30.54
N ASP A 283 -4.83 -0.09 31.27
CA ASP A 283 -6.20 -0.65 31.44
C ASP A 283 -6.92 -0.69 30.11
N GLN A 284 -6.60 0.23 29.19
CA GLN A 284 -7.26 0.31 27.86
C GLN A 284 -6.40 -0.37 26.77
N ALA A 285 -5.18 -0.85 27.06
CA ALA A 285 -4.23 -1.30 26.03
C ALA A 285 -4.40 -2.79 25.70
N PRO A 286 -4.75 -3.17 24.45
CA PRO A 286 -4.82 -4.58 24.06
C PRO A 286 -3.56 -5.41 24.29
N LYS A 287 -2.36 -4.85 24.17
CA LYS A 287 -1.08 -5.57 24.36
C LYS A 287 -0.44 -5.26 25.71
N ALA A 288 -1.16 -4.66 26.66
CA ALA A 288 -0.64 -4.39 28.03
C ALA A 288 0.05 -5.63 28.61
N ARG A 289 -0.51 -6.81 28.38
CA ARG A 289 -0.05 -8.06 29.05
C ARG A 289 1.14 -8.66 28.31
N LYS A 290 1.53 -8.12 27.14
CA LYS A 290 2.80 -8.53 26.50
C LYS A 290 3.97 -8.06 27.36
N PHE A 291 3.81 -6.95 28.11
CA PHE A 291 4.93 -6.25 28.78
C PHE A 291 4.71 -6.14 30.30
N PHE A 292 3.47 -6.10 30.75
CA PHE A 292 3.09 -5.73 32.13
C PHE A 292 2.15 -6.80 32.71
N GLU A 293 2.15 -6.87 34.05
CA GLU A 293 1.26 -7.72 34.89
C GLU A 293 0.29 -6.82 35.63
N LYS A 294 -1.02 -7.13 35.65
CA LYS A 294 -1.95 -6.45 36.55
C LYS A 294 -2.01 -7.17 37.90
N LEU A 295 -1.72 -6.48 38.99
CA LEU A 295 -1.63 -7.09 40.35
C LEU A 295 -3.00 -7.05 41.00
N PRO A 296 -3.25 -7.83 42.08
CA PRO A 296 -4.57 -7.89 42.70
C PRO A 296 -5.20 -6.54 43.08
N ASP A 297 -4.41 -5.49 43.29
CA ASP A 297 -4.93 -4.16 43.73
C ASP A 297 -5.22 -3.27 42.52
N GLY A 298 -5.03 -3.78 41.29
CA GLY A 298 -5.30 -2.97 40.09
C GLY A 298 -4.10 -2.17 39.65
N THR A 299 -2.97 -2.26 40.34
CA THR A 299 -1.71 -1.62 39.88
C THR A 299 -1.00 -2.57 38.91
N TRP A 300 -0.12 -2.01 38.09
CA TRP A 300 0.61 -2.71 37.01
C TRP A 300 2.09 -2.70 37.33
N ASN A 301 2.83 -3.77 37.02
CA ASN A 301 4.31 -3.80 37.08
C ASN A 301 4.82 -4.50 35.82
N LEU A 302 6.13 -4.41 35.56
CA LEU A 302 6.80 -5.18 34.48
C LEU A 302 6.59 -6.67 34.70
N LYS A 303 6.25 -7.40 33.64
CA LYS A 303 6.42 -8.86 33.52
C LYS A 303 7.92 -9.20 33.57
N LYS A 304 8.28 -10.32 34.23
CA LYS A 304 9.57 -11.07 34.08
C LYS A 304 9.83 -11.40 32.60
N THR A 305 11.05 -11.12 32.08
CA THR A 305 11.47 -11.55 30.71
C THR A 305 11.68 -13.07 30.71
N GLU A 311 19.77 -7.98 33.79
CA GLU A 311 18.72 -7.87 32.76
C GLU A 311 18.47 -6.36 32.52
N TYR A 312 17.60 -5.69 33.29
CA TYR A 312 17.24 -4.25 33.11
C TYR A 312 17.41 -3.46 34.42
N LYS A 313 17.76 -2.17 34.27
CA LYS A 313 17.73 -1.20 35.39
C LYS A 313 16.29 -1.11 35.89
N PRO A 314 16.07 -0.96 37.22
CA PRO A 314 14.70 -0.85 37.73
C PRO A 314 14.02 0.37 37.14
N PRO A 315 12.67 0.34 37.03
CA PRO A 315 11.91 1.43 36.39
C PRO A 315 12.32 2.83 36.86
N GLY A 316 12.64 3.71 35.92
CA GLY A 316 12.91 5.14 36.19
C GLY A 316 14.32 5.38 36.71
N THR A 317 15.20 4.36 36.71
CA THR A 317 16.54 4.54 37.31
C THR A 317 17.46 5.14 36.26
N ARG A 318 17.17 4.99 34.96
CA ARG A 318 18.02 5.57 33.89
C ARG A 318 17.46 6.94 33.55
N LYS A 319 17.66 7.92 34.43
CA LYS A 319 17.05 9.26 34.29
C LYS A 319 17.60 9.97 33.06
N LEU A 320 16.74 10.71 32.36
CA LEU A 320 17.17 11.63 31.30
C LEU A 320 18.16 12.66 31.87
N HIS A 321 17.95 13.07 33.13
CA HIS A 321 18.86 13.96 33.87
C HIS A 321 20.31 13.47 33.73
N ASN A 322 20.52 12.16 33.85
CA ASN A 322 21.85 11.49 33.83
C ASN A 322 22.29 11.20 32.38
N ILE A 323 21.37 10.76 31.52
CA ILE A 323 21.68 10.55 30.07
C ILE A 323 22.21 11.84 29.44
N LEU A 324 21.60 12.99 29.72
CA LEU A 324 21.98 14.28 29.10
C LEU A 324 23.18 14.89 29.84
N GLY A 325 23.51 14.42 31.05
CA GLY A 325 24.63 14.95 31.87
C GLY A 325 24.33 16.39 32.29
N VAL A 326 23.08 16.62 32.72
CA VAL A 326 22.58 17.99 33.02
C VAL A 326 23.57 18.71 33.97
N GLU A 327 24.00 18.04 35.04
CA GLU A 327 24.90 18.68 36.07
C GLU A 327 26.37 18.27 35.91
N THR A 328 26.76 17.53 34.85
CA THR A 328 28.10 16.88 34.71
C THR A 328 28.69 17.15 33.31
N GLY A 329 28.33 18.26 32.69
CA GLY A 329 28.99 18.70 31.44
C GLY A 329 28.43 17.99 30.20
N GLY A 330 27.14 17.63 30.19
CA GLY A 330 26.46 17.07 29.01
C GLY A 330 26.86 15.62 28.77
N PRO A 331 26.50 15.05 27.59
CA PRO A 331 26.67 13.61 27.34
C PRO A 331 28.13 13.15 27.48
N GLY A 332 28.35 12.13 28.32
CA GLY A 332 29.68 11.58 28.64
C GLY A 332 30.64 12.65 29.13
N GLY A 333 30.12 13.76 29.67
CA GLY A 333 30.89 14.91 30.17
C GLY A 333 31.60 15.67 29.07
N ARG A 334 31.27 15.44 27.81
CA ARG A 334 32.04 15.97 26.64
C ARG A 334 31.76 17.46 26.39
N ARG A 335 30.76 18.07 27.03
CA ARG A 335 30.39 19.49 26.76
C ARG A 335 30.80 20.37 27.93
N ALA A 336 31.59 19.82 28.87
CA ALA A 336 32.11 20.55 30.05
C ALA A 336 32.74 21.88 29.57
N GLY A 337 32.29 23.01 30.13
CA GLY A 337 32.77 24.34 29.77
C GLY A 337 32.71 24.53 28.27
N GLU A 338 31.50 24.42 27.70
CA GLU A 338 31.16 24.91 26.35
C GLU A 338 29.99 25.90 26.44
N SER A 339 30.01 26.91 25.57
CA SER A 339 29.00 28.01 25.52
C SER A 339 27.63 27.40 25.25
N GLY A 340 26.60 27.88 25.95
CA GLY A 340 25.21 27.46 25.77
C GLY A 340 25.02 25.98 26.10
N HIS A 341 25.83 25.46 27.03
CA HIS A 341 25.72 24.08 27.56
C HIS A 341 25.63 24.17 29.09
N THR A 342 24.92 25.17 29.60
CA THR A 342 24.81 25.41 31.05
C THR A 342 23.79 24.42 31.64
N VAL A 343 23.86 24.21 32.94
CA VAL A 343 22.83 23.46 33.72
C VAL A 343 21.44 24.00 33.35
N ALA A 344 21.25 25.33 33.29
CA ALA A 344 19.93 25.93 32.98
C ALA A 344 19.45 25.51 31.58
N ASP A 345 20.33 25.61 30.57
CA ASP A 345 20.07 25.16 29.18
C ASP A 345 19.62 23.68 29.17
N TYR A 346 20.35 22.83 29.88
CA TYR A 346 20.14 21.37 29.88
C TYR A 346 18.82 21.11 30.61
N LEU A 347 18.53 21.85 31.68
CA LEU A 347 17.24 21.68 32.39
C LEU A 347 16.07 22.02 31.45
N LYS A 348 16.23 23.04 30.61
CA LYS A 348 15.14 23.43 29.68
C LYS A 348 14.99 22.33 28.60
N PHE A 349 16.10 21.86 28.04
CA PHE A 349 16.08 20.74 27.07
C PHE A 349 15.40 19.52 27.70
N LYS A 350 15.79 19.16 28.92
CA LYS A 350 15.25 17.95 29.59
C LYS A 350 13.73 18.11 29.71
N ASP A 351 13.28 19.29 30.13
CA ASP A 351 11.84 19.54 30.38
C ASP A 351 11.07 19.39 29.05
N LEU A 352 11.57 19.96 27.95
CA LEU A 352 10.92 19.81 26.62
C LEU A 352 10.87 18.33 26.23
N ILE A 353 11.98 17.59 26.37
CA ILE A 353 12.02 16.16 25.97
C ILE A 353 11.02 15.37 26.81
N LEU A 354 10.97 15.59 28.12
CA LEU A 354 10.01 14.87 29.01
C LEU A 354 8.56 15.17 28.58
N ARG A 355 8.28 16.38 28.09
CA ARG A 355 6.92 16.69 27.61
C ARG A 355 6.65 16.00 26.25
N MET A 356 7.66 15.84 25.40
CA MET A 356 7.53 15.05 24.14
C MET A 356 7.42 13.56 24.46
N LEU A 357 8.01 13.10 25.57
CA LEU A 357 7.98 11.64 25.90
C LEU A 357 6.91 11.36 26.94
N ASP A 358 5.81 12.11 26.94
CA ASP A 358 4.61 11.81 27.76
C ASP A 358 4.05 10.46 27.30
N TYR A 359 3.82 9.52 28.22
CA TYR A 359 3.20 8.21 27.90
C TYR A 359 1.77 8.44 27.37
N ASP A 360 1.12 9.50 27.81
CA ASP A 360 -0.29 9.77 27.40
C ASP A 360 -0.32 10.60 26.12
N PRO A 361 -0.79 10.05 24.99
CA PRO A 361 -0.83 10.80 23.72
C PRO A 361 -1.73 12.05 23.78
N LYS A 362 -2.65 12.07 24.75
CA LYS A 362 -3.61 13.18 24.92
C LYS A 362 -2.91 14.38 25.55
N THR A 363 -1.97 14.18 26.47
CA THR A 363 -1.31 15.27 27.19
C THR A 363 0.12 15.48 26.66
N ARG A 364 0.59 14.61 25.76
CA ARG A 364 1.90 14.83 25.08
C ARG A 364 1.90 16.25 24.48
N ILE A 365 3.00 16.97 24.61
CA ILE A 365 3.07 18.38 24.17
C ILE A 365 2.76 18.47 22.68
N GLN A 366 1.99 19.49 22.30
CA GLN A 366 1.62 19.73 20.89
C GLN A 366 2.62 20.71 20.28
N PRO A 367 2.81 20.65 18.95
CA PRO A 367 3.85 21.43 18.29
C PRO A 367 3.86 22.91 18.65
N TYR A 368 2.69 23.55 18.68
CA TYR A 368 2.67 25.01 18.99
C TYR A 368 3.35 25.25 20.36
N TYR A 369 2.98 24.48 21.38
CA TYR A 369 3.47 24.68 22.78
C TYR A 369 4.92 24.26 22.89
N ALA A 370 5.34 23.26 22.12
CA ALA A 370 6.79 22.92 22.00
C ALA A 370 7.55 24.18 21.55
N LEU A 371 7.03 24.89 20.55
CA LEU A 371 7.72 26.09 20.00
C LEU A 371 7.75 27.23 21.01
N GLN A 372 6.81 27.30 21.96
CA GLN A 372 6.81 28.39 22.97
C GLN A 372 7.69 28.03 24.15
N HIS A 373 8.27 26.82 24.19
CA HIS A 373 9.04 26.30 25.34
C HIS A 373 10.23 27.22 25.61
N SER A 374 10.62 27.38 26.87
CA SER A 374 11.76 28.23 27.26
C SER A 374 13.07 27.71 26.62
N PHE A 375 13.15 26.44 26.22
CA PHE A 375 14.35 25.90 25.53
C PHE A 375 14.64 26.71 24.27
N PHE A 376 13.61 27.23 23.59
CA PHE A 376 13.76 28.06 22.37
C PHE A 376 13.90 29.57 22.68
N LYS A 377 13.91 30.01 23.95
CA LYS A 377 13.94 31.47 24.27
C LYS A 377 15.40 31.95 24.25
N LYS A 378 15.79 32.64 23.18
CA LYS A 378 17.17 33.11 22.86
C LYS A 378 17.11 34.59 22.47
N LYS B 31 19.94 -8.95 13.14
CA LYS B 31 18.64 -8.26 13.05
C LYS B 31 17.52 -9.27 13.34
N VAL B 32 16.54 -8.83 14.14
CA VAL B 32 15.27 -9.54 14.44
C VAL B 32 14.17 -8.67 13.84
N TYR B 33 13.10 -9.29 13.33
CA TYR B 33 11.92 -8.61 12.75
C TYR B 33 10.68 -9.09 13.49
N ASN B 34 9.90 -8.16 14.03
CA ASN B 34 8.69 -8.50 14.81
C ASN B 34 9.02 -9.61 15.81
N ASP B 35 10.05 -9.41 16.65
CA ASP B 35 10.33 -10.27 17.83
C ASP B 35 10.75 -11.69 17.37
N GLY B 36 11.18 -11.86 16.13
CA GLY B 36 11.55 -13.16 15.54
C GLY B 36 10.39 -13.86 14.82
N TYR B 37 9.20 -13.24 14.74
CA TYR B 37 8.04 -13.83 14.04
C TYR B 37 8.04 -13.49 12.57
N ASP B 38 8.81 -12.49 12.13
CA ASP B 38 8.81 -11.99 10.72
C ASP B 38 10.18 -12.28 10.08
N ASP B 39 10.18 -12.49 8.77
CA ASP B 39 11.39 -12.38 7.92
C ASP B 39 11.65 -10.91 7.60
N ASP B 40 12.66 -10.67 6.77
CA ASP B 40 13.17 -9.30 6.51
C ASP B 40 12.24 -8.59 5.51
N ASN B 41 11.17 -9.25 5.05
CA ASN B 41 10.11 -8.66 4.19
C ASN B 41 8.91 -8.25 5.06
N TYR B 42 8.92 -8.56 6.37
CA TYR B 42 7.80 -8.33 7.30
C TYR B 42 6.62 -9.23 6.91
N ASP B 43 6.93 -10.44 6.42
CA ASP B 43 5.99 -11.58 6.32
C ASP B 43 6.14 -12.43 7.57
N TYR B 44 5.03 -12.93 8.08
CA TYR B 44 5.04 -13.88 9.20
C TYR B 44 5.80 -15.15 8.76
N ILE B 45 6.58 -15.74 9.68
CA ILE B 45 7.33 -16.99 9.41
C ILE B 45 6.39 -18.12 9.78
N VAL B 46 5.74 -18.68 8.77
CA VAL B 46 4.78 -19.79 8.98
C VAL B 46 5.58 -21.03 9.43
N LYS B 47 5.12 -21.59 10.54
CA LYS B 47 5.61 -22.83 11.16
C LYS B 47 4.45 -23.83 11.02
N ASN B 48 4.60 -24.80 10.12
CA ASN B 48 3.62 -25.90 9.92
C ASN B 48 3.41 -26.55 11.28
N GLY B 49 2.15 -26.66 11.72
CA GLY B 49 1.77 -27.31 12.99
C GLY B 49 1.59 -26.36 14.14
N GLU B 50 1.94 -25.08 14.00
CA GLU B 50 1.75 -24.10 15.09
C GLU B 50 0.25 -23.94 15.36
N LYS B 51 -0.12 -23.72 16.61
CA LYS B 51 -1.50 -23.47 17.08
C LYS B 51 -1.56 -22.01 17.54
N TRP B 52 -2.59 -21.28 17.12
CA TRP B 52 -2.86 -19.86 17.47
C TRP B 52 -4.05 -19.79 18.40
N MET B 53 -3.91 -19.03 19.49
CA MET B 53 -5.02 -18.63 20.39
C MET B 53 -5.75 -19.89 20.86
N ASP B 54 -5.08 -21.04 20.87
CA ASP B 54 -5.69 -22.34 21.21
C ASP B 54 -6.93 -22.57 20.33
N ARG B 55 -6.88 -22.15 19.06
CA ARG B 55 -8.05 -22.24 18.12
C ARG B 55 -7.61 -22.75 16.74
N TYR B 56 -6.62 -22.12 16.12
CA TYR B 56 -6.24 -22.38 14.71
C TYR B 56 -4.97 -23.22 14.69
N GLU B 57 -5.01 -24.32 13.93
CA GLU B 57 -3.82 -25.14 13.67
C GLU B 57 -3.35 -24.82 12.25
N ILE B 58 -2.23 -24.14 12.12
CA ILE B 58 -1.66 -23.78 10.80
C ILE B 58 -1.16 -25.07 10.18
N ASP B 59 -1.70 -25.45 9.04
CA ASP B 59 -1.34 -26.69 8.35
C ASP B 59 -0.21 -26.37 7.35
N SER B 60 -0.43 -25.43 6.44
CA SER B 60 0.54 -25.17 5.35
C SER B 60 0.25 -23.84 4.64
N LEU B 61 1.21 -23.37 3.84
CA LEU B 61 1.08 -22.18 2.97
C LEU B 61 0.27 -22.58 1.73
N ILE B 62 -0.81 -21.86 1.42
CA ILE B 62 -1.51 -22.04 0.10
C ILE B 62 -0.79 -21.22 -0.95
N GLY B 63 -0.57 -19.94 -0.66
CA GLY B 63 0.09 -19.05 -1.61
C GLY B 63 0.68 -17.86 -0.91
N LYS B 64 1.65 -17.25 -1.56
CA LYS B 64 2.38 -16.07 -1.06
C LYS B 64 2.47 -15.06 -2.20
N GLY B 65 2.07 -13.83 -1.91
CA GLY B 65 2.18 -12.69 -2.83
C GLY B 65 2.87 -11.54 -2.15
N SER B 66 2.95 -10.41 -2.83
CA SER B 66 3.40 -9.13 -2.22
C SER B 66 2.55 -8.83 -0.99
N PHE B 67 1.25 -9.11 -1.03
CA PHE B 67 0.25 -8.80 0.03
C PHE B 67 0.64 -9.44 1.38
N GLY B 68 1.30 -10.60 1.32
CA GLY B 68 1.53 -11.48 2.47
C GLY B 68 1.31 -12.92 2.07
N GLN B 69 0.70 -13.67 2.95
CA GLN B 69 0.53 -15.13 2.81
C GLN B 69 -0.91 -15.54 3.07
N VAL B 70 -1.33 -16.59 2.39
CA VAL B 70 -2.59 -17.29 2.71
C VAL B 70 -2.20 -18.67 3.19
N VAL B 71 -2.66 -19.03 4.40
CA VAL B 71 -2.36 -20.36 4.99
C VAL B 71 -3.66 -21.13 5.14
N LYS B 72 -3.57 -22.44 4.91
CA LYS B 72 -4.63 -23.39 5.27
C LYS B 72 -4.49 -23.64 6.77
N ALA B 73 -5.56 -23.43 7.51
CA ALA B 73 -5.59 -23.63 8.96
C ALA B 73 -6.86 -24.38 9.32
N TYR B 74 -6.76 -25.25 10.33
CA TYR B 74 -7.95 -25.91 10.91
C TYR B 74 -8.43 -25.06 12.06
N ASP B 75 -9.67 -24.62 11.98
CA ASP B 75 -10.38 -23.89 13.06
C ASP B 75 -10.99 -24.95 13.98
N ARG B 76 -10.36 -25.23 15.12
CA ARG B 76 -10.80 -26.27 16.09
C ARG B 76 -12.16 -25.90 16.69
N VAL B 77 -12.50 -24.62 16.78
CA VAL B 77 -13.79 -24.21 17.40
C VAL B 77 -14.93 -24.50 16.43
N GLU B 78 -14.79 -24.14 15.15
CA GLU B 78 -15.88 -24.35 14.17
C GLU B 78 -15.73 -25.72 13.54
N GLN B 79 -14.59 -26.39 13.68
CA GLN B 79 -14.40 -27.77 13.16
C GLN B 79 -14.41 -27.72 11.63
N GLU B 80 -13.68 -26.75 11.06
CA GLU B 80 -13.63 -26.55 9.58
C GLU B 80 -12.27 -26.00 9.19
N TRP B 81 -11.88 -26.28 7.95
CA TRP B 81 -10.71 -25.65 7.31
C TRP B 81 -11.05 -24.20 7.01
N VAL B 82 -10.09 -23.31 7.22
CA VAL B 82 -10.21 -21.88 6.89
C VAL B 82 -8.94 -21.46 6.14
N ALA B 83 -9.03 -20.38 5.37
CA ALA B 83 -7.85 -19.77 4.69
C ALA B 83 -7.56 -18.46 5.40
N ILE B 84 -6.39 -18.35 6.01
CA ILE B 84 -6.05 -17.14 6.80
C ILE B 84 -5.07 -16.35 5.97
N LYS B 85 -5.48 -15.13 5.64
CA LYS B 85 -4.65 -14.17 4.88
C LYS B 85 -3.90 -13.36 5.93
N ILE B 86 -2.58 -13.56 5.99
CA ILE B 86 -1.70 -12.90 6.99
C ILE B 86 -1.02 -11.76 6.27
N ILE B 87 -1.44 -10.55 6.55
CA ILE B 87 -1.05 -9.35 5.77
C ILE B 87 0.40 -8.99 6.13
N LYS B 88 1.22 -8.74 5.12
CA LYS B 88 2.62 -8.29 5.31
C LYS B 88 2.57 -6.93 6.01
N ASN B 89 3.51 -6.67 6.93
CA ASN B 89 3.54 -5.45 7.78
C ASN B 89 4.28 -4.32 7.04
N LYS B 90 3.78 -3.96 5.86
CA LYS B 90 4.12 -2.72 5.13
C LYS B 90 2.83 -1.97 4.82
N LYS B 91 2.86 -0.65 4.89
CA LYS B 91 1.69 0.24 4.79
C LYS B 91 0.88 -0.13 3.53
N ALA B 92 1.55 -0.36 2.39
CA ALA B 92 0.91 -0.61 1.07
C ALA B 92 -0.06 -1.78 1.18
N PHE B 93 0.31 -2.80 1.98
CA PHE B 93 -0.50 -4.04 2.13
C PHE B 93 -1.54 -3.86 3.22
N LEU B 94 -1.15 -3.16 4.29
CA LEU B 94 -2.07 -2.84 5.40
C LEU B 94 -3.23 -1.98 4.86
N ASN B 95 -2.99 -1.04 3.95
CA ASN B 95 -4.07 -0.18 3.39
C ASN B 95 -5.07 -1.00 2.56
N GLN B 96 -4.58 -1.89 1.71
CA GLN B 96 -5.45 -2.75 0.88
C GLN B 96 -6.30 -3.64 1.80
N ALA B 97 -5.69 -4.23 2.82
CA ALA B 97 -6.38 -5.16 3.73
C ALA B 97 -7.45 -4.39 4.50
N GLN B 98 -7.20 -3.14 4.88
CA GLN B 98 -8.21 -2.33 5.64
C GLN B 98 -9.43 -2.15 4.72
N ILE B 99 -9.21 -1.91 3.42
CA ILE B 99 -10.31 -1.71 2.45
C ILE B 99 -11.07 -3.03 2.33
N GLU B 100 -10.33 -4.12 2.16
CA GLU B 100 -10.94 -5.46 2.00
C GLU B 100 -11.84 -5.74 3.20
N VAL B 101 -11.36 -5.48 4.43
CA VAL B 101 -12.15 -5.80 5.65
C VAL B 101 -13.44 -4.98 5.60
N ARG B 102 -13.32 -3.69 5.36
CA ARG B 102 -14.49 -2.74 5.40
C ARG B 102 -15.53 -3.21 4.36
N LEU B 103 -15.12 -3.48 3.12
CA LEU B 103 -16.08 -3.87 2.05
C LEU B 103 -16.65 -5.26 2.32
N LEU B 104 -15.84 -6.23 2.73
CA LEU B 104 -16.41 -7.59 2.99
C LEU B 104 -17.38 -7.52 4.19
N GLU B 105 -17.12 -6.68 5.18
CA GLU B 105 -18.04 -6.54 6.35
C GLU B 105 -19.34 -5.87 5.89
N LEU B 106 -19.26 -4.89 4.99
CA LEU B 106 -20.43 -4.28 4.33
C LEU B 106 -21.24 -5.39 3.65
N MET B 107 -20.61 -6.27 2.89
CA MET B 107 -21.35 -7.35 2.20
C MET B 107 -22.01 -8.28 3.23
N ASN B 108 -21.35 -8.52 4.36
CA ASN B 108 -21.84 -9.44 5.43
C ASN B 108 -23.17 -8.92 6.01
N LYS B 109 -23.49 -7.63 5.98
CA LYS B 109 -24.79 -7.15 6.52
C LYS B 109 -25.98 -7.51 5.59
N HIS B 110 -25.78 -7.91 4.32
CA HIS B 110 -26.86 -8.24 3.35
C HIS B 110 -27.28 -9.71 3.44
N ASP B 111 -28.54 -10.01 3.12
CA ASP B 111 -29.20 -11.32 3.39
C ASP B 111 -29.45 -12.10 2.09
N THR B 112 -29.03 -11.59 0.93
CA THR B 112 -29.24 -12.24 -0.40
C THR B 112 -28.47 -13.56 -0.53
N GLU B 113 -29.02 -14.52 -1.28
CA GLU B 113 -28.29 -15.71 -1.81
C GLU B 113 -27.27 -15.26 -2.87
N MET B 114 -27.46 -14.07 -3.46
CA MET B 114 -26.51 -13.41 -4.43
C MET B 114 -25.12 -13.21 -3.78
N LYS B 115 -25.07 -13.02 -2.45
CA LYS B 115 -23.82 -12.75 -1.70
C LYS B 115 -22.89 -13.98 -1.74
N TYR B 116 -23.39 -15.18 -2.06
CA TYR B 116 -22.57 -16.42 -1.96
C TYR B 116 -21.69 -16.59 -3.21
N TYR B 117 -21.68 -15.69 -4.21
CA TYR B 117 -20.66 -15.70 -5.28
C TYR B 117 -19.46 -14.84 -4.88
N ILE B 118 -19.47 -14.29 -3.68
CA ILE B 118 -18.34 -13.51 -3.11
C ILE B 118 -17.79 -14.33 -1.97
N VAL B 119 -16.48 -14.36 -1.81
CA VAL B 119 -15.83 -15.07 -0.68
C VAL B 119 -16.37 -14.50 0.64
N HIS B 120 -16.61 -15.38 1.60
CA HIS B 120 -17.05 -15.03 2.97
C HIS B 120 -15.85 -14.72 3.87
N LEU B 121 -15.75 -13.49 4.38
CA LEU B 121 -14.82 -13.14 5.49
C LEU B 121 -15.49 -13.52 6.80
N LYS B 122 -15.00 -14.55 7.46
CA LYS B 122 -15.61 -15.07 8.71
C LYS B 122 -15.29 -14.13 9.86
N ARG B 123 -14.06 -13.63 9.95
CA ARG B 123 -13.66 -12.70 11.01
C ARG B 123 -12.27 -12.18 10.68
N HIS B 124 -11.83 -11.19 11.44
CA HIS B 124 -10.47 -10.64 11.30
C HIS B 124 -9.96 -10.31 12.69
N PHE B 125 -8.64 -10.37 12.88
CA PHE B 125 -8.00 -10.08 14.18
C PHE B 125 -6.56 -9.71 13.93
N MET B 126 -5.96 -9.14 14.97
CA MET B 126 -4.53 -8.85 15.08
C MET B 126 -3.93 -10.02 15.83
N PHE B 127 -2.89 -10.62 15.29
CA PHE B 127 -2.14 -11.70 15.97
C PHE B 127 -0.66 -11.49 15.69
N ARG B 128 0.12 -11.38 16.76
CA ARG B 128 1.59 -11.17 16.67
C ARG B 128 1.89 -10.03 15.69
N ASN B 129 1.12 -8.93 15.84
CA ASN B 129 1.27 -7.66 15.10
C ASN B 129 0.85 -7.77 13.62
N HIS B 130 0.30 -8.90 13.18
CA HIS B 130 -0.25 -9.01 11.80
C HIS B 130 -1.77 -8.85 11.82
N LEU B 131 -2.32 -8.14 10.85
CA LEU B 131 -3.76 -8.23 10.51
C LEU B 131 -4.01 -9.58 9.81
N CYS B 132 -4.92 -10.37 10.35
CA CYS B 132 -5.26 -11.72 9.86
C CYS B 132 -6.73 -11.76 9.44
N LEU B 133 -6.99 -12.13 8.18
CA LEU B 133 -8.37 -12.22 7.64
C LEU B 133 -8.69 -13.70 7.51
N VAL B 134 -9.73 -14.13 8.19
CA VAL B 134 -10.16 -15.54 8.17
C VAL B 134 -11.27 -15.70 7.15
N PHE B 135 -10.98 -16.42 6.08
CA PHE B 135 -11.91 -16.72 4.98
C PHE B 135 -12.33 -18.17 5.05
N GLU B 136 -13.50 -18.43 4.50
CA GLU B 136 -13.87 -19.81 4.08
C GLU B 136 -12.76 -20.35 3.19
N MET B 137 -12.51 -21.65 3.31
CA MET B 137 -11.47 -22.37 2.54
C MET B 137 -12.08 -22.68 1.17
N LEU B 138 -11.47 -22.18 0.09
CA LEU B 138 -11.92 -22.43 -1.30
C LEU B 138 -10.84 -23.29 -1.96
N SER B 139 -10.98 -23.59 -3.24
CA SER B 139 -10.08 -24.46 -4.03
C SER B 139 -9.19 -23.59 -4.93
N TYR B 140 -8.75 -24.15 -6.05
CA TYR B 140 -7.88 -23.55 -7.07
C TYR B 140 -8.56 -22.31 -7.68
N ASN B 141 -7.76 -21.37 -8.17
CA ASN B 141 -8.28 -20.20 -8.89
C ASN B 141 -8.40 -20.56 -10.38
N LEU B 142 -9.02 -19.68 -11.16
CA LEU B 142 -9.32 -20.01 -12.59
C LEU B 142 -8.05 -19.90 -13.42
N TYR B 143 -7.00 -19.22 -12.93
CA TYR B 143 -5.70 -19.24 -13.64
C TYR B 143 -5.07 -20.64 -13.46
N ASP B 144 -5.13 -21.22 -12.27
CA ASP B 144 -4.65 -22.61 -12.02
C ASP B 144 -5.44 -23.57 -12.93
N LEU B 145 -6.74 -23.36 -13.08
CA LEU B 145 -7.58 -24.18 -13.97
C LEU B 145 -7.14 -24.00 -15.43
N LEU B 146 -6.86 -22.78 -15.89
CA LEU B 146 -6.31 -22.58 -17.25
C LEU B 146 -4.96 -23.31 -17.41
N ARG B 147 -4.08 -23.17 -16.42
CA ARG B 147 -2.75 -23.83 -16.42
C ARG B 147 -2.98 -25.33 -16.55
N ASN B 148 -3.98 -25.89 -15.90
CA ASN B 148 -4.26 -27.34 -15.94
C ASN B 148 -4.74 -27.74 -17.35
N THR B 149 -5.39 -26.86 -18.11
CA THR B 149 -5.80 -27.12 -19.52
C THR B 149 -4.62 -26.87 -20.48
N ASN B 150 -3.43 -26.49 -20.00
CA ASN B 150 -2.27 -26.04 -20.83
C ASN B 150 -2.69 -24.88 -21.73
N PHE B 151 -3.50 -23.96 -21.18
CA PHE B 151 -3.86 -22.71 -21.87
C PHE B 151 -4.57 -23.05 -23.17
N ARG B 152 -5.41 -24.09 -23.14
CA ARG B 152 -6.30 -24.44 -24.26
C ARG B 152 -7.77 -24.17 -23.91
N GLY B 153 -8.08 -23.85 -22.65
CA GLY B 153 -9.39 -23.34 -22.25
C GLY B 153 -10.29 -24.44 -21.74
N VAL B 154 -11.41 -24.07 -21.16
CA VAL B 154 -12.46 -25.04 -20.74
C VAL B 154 -13.57 -25.00 -21.77
N SER B 155 -14.52 -25.92 -21.69
CA SER B 155 -15.65 -26.02 -22.65
C SER B 155 -16.53 -24.76 -22.55
N LEU B 156 -17.32 -24.54 -23.57
CA LEU B 156 -18.29 -23.43 -23.59
C LEU B 156 -19.36 -23.70 -22.51
N ASN B 157 -19.62 -24.96 -22.17
CA ASN B 157 -20.65 -25.26 -21.13
C ASN B 157 -20.10 -24.81 -19.75
N LEU B 158 -18.83 -25.03 -19.47
CA LEU B 158 -18.26 -24.59 -18.18
C LEU B 158 -18.14 -23.07 -18.22
N THR B 159 -17.73 -22.50 -19.37
CA THR B 159 -17.61 -21.04 -19.54
C THR B 159 -18.99 -20.42 -19.24
N ARG B 160 -20.06 -21.04 -19.73
CA ARG B 160 -21.45 -20.52 -19.54
C ARG B 160 -21.76 -20.50 -18.04
N LYS B 161 -21.44 -21.59 -17.33
CA LYS B 161 -21.71 -21.67 -15.87
C LYS B 161 -20.93 -20.59 -15.12
N PHE B 162 -19.66 -20.39 -15.47
CA PHE B 162 -18.81 -19.35 -14.83
C PHE B 162 -19.39 -17.96 -15.10
N ALA B 163 -19.81 -17.71 -16.33
CA ALA B 163 -20.34 -16.40 -16.76
C ALA B 163 -21.60 -16.09 -15.93
N GLN B 164 -22.50 -17.07 -15.76
CA GLN B 164 -23.79 -16.84 -15.08
C GLN B 164 -23.50 -16.49 -13.62
N GLN B 165 -22.53 -17.17 -13.00
CA GLN B 165 -22.14 -16.93 -11.59
C GLN B 165 -21.51 -15.56 -11.45
N MET B 166 -20.60 -15.19 -12.36
CA MET B 166 -19.89 -13.90 -12.30
C MET B 166 -20.89 -12.75 -12.57
N CYS B 167 -21.83 -12.90 -13.50
CA CYS B 167 -22.83 -11.82 -13.76
C CYS B 167 -23.70 -11.66 -12.51
N THR B 168 -23.98 -12.74 -11.78
CA THR B 168 -24.73 -12.71 -10.50
C THR B 168 -23.87 -12.01 -9.45
N ALA B 169 -22.56 -12.27 -9.42
CA ALA B 169 -21.67 -11.59 -8.47
C ALA B 169 -21.70 -10.08 -8.75
N LEU B 170 -21.65 -9.71 -10.03
CA LEU B 170 -21.57 -8.26 -10.36
C LEU B 170 -22.92 -7.60 -10.03
N LEU B 171 -24.02 -8.33 -10.17
CA LEU B 171 -25.40 -7.87 -9.83
C LEU B 171 -25.46 -7.58 -8.32
N PHE B 172 -24.89 -8.46 -7.52
CA PHE B 172 -24.78 -8.27 -6.07
C PHE B 172 -23.96 -7.02 -5.74
N LEU B 173 -22.75 -6.89 -6.28
CA LEU B 173 -21.86 -5.77 -5.95
C LEU B 173 -22.54 -4.43 -6.31
N ALA B 174 -23.41 -4.38 -7.32
CA ALA B 174 -24.05 -3.12 -7.75
C ALA B 174 -25.29 -2.80 -6.90
N THR B 175 -25.71 -3.66 -5.97
CA THR B 175 -26.73 -3.26 -4.97
C THR B 175 -26.40 -1.84 -4.48
N PRO B 176 -27.38 -0.91 -4.45
CA PRO B 176 -27.08 0.50 -4.15
C PRO B 176 -26.29 0.74 -2.85
N GLU B 177 -26.63 0.06 -1.77
CA GLU B 177 -25.96 0.24 -0.46
C GLU B 177 -24.51 -0.24 -0.57
N LEU B 178 -24.17 -1.09 -1.54
CA LEU B 178 -22.76 -1.51 -1.73
C LEU B 178 -22.11 -0.64 -2.80
N SER B 179 -22.56 -0.71 -4.07
CA SER B 179 -21.97 0.03 -5.20
C SER B 179 -20.46 -0.21 -5.20
N ILE B 180 -20.05 -1.47 -5.07
CA ILE B 180 -18.61 -1.85 -4.97
C ILE B 180 -18.09 -2.12 -6.38
N ILE B 181 -17.00 -1.48 -6.74
CA ILE B 181 -16.18 -1.82 -7.93
C ILE B 181 -15.03 -2.70 -7.44
N HIS B 182 -14.97 -3.94 -7.93
CA HIS B 182 -13.86 -4.87 -7.57
C HIS B 182 -12.53 -4.22 -7.96
N CYS B 183 -12.45 -3.73 -9.20
CA CYS B 183 -11.27 -3.05 -9.83
C CYS B 183 -10.07 -3.96 -10.15
N ASP B 184 -10.15 -5.26 -9.93
CA ASP B 184 -9.01 -6.14 -10.30
C ASP B 184 -9.55 -7.52 -10.61
N LEU B 185 -10.63 -7.62 -11.36
CA LEU B 185 -11.13 -8.92 -11.83
C LEU B 185 -10.13 -9.51 -12.83
N LYS B 186 -9.79 -10.77 -12.62
CA LYS B 186 -8.87 -11.55 -13.49
C LYS B 186 -9.01 -12.99 -13.06
N PRO B 187 -8.55 -13.97 -13.87
CA PRO B 187 -8.76 -15.38 -13.53
C PRO B 187 -8.22 -15.73 -12.12
N GLU B 188 -7.11 -15.14 -11.71
CA GLU B 188 -6.45 -15.47 -10.42
C GLU B 188 -7.34 -15.06 -9.23
N ASN B 189 -8.30 -14.15 -9.43
CA ASN B 189 -9.13 -13.56 -8.34
C ASN B 189 -10.50 -14.25 -8.37
N ILE B 190 -10.64 -15.32 -9.14
CA ILE B 190 -11.88 -16.14 -9.13
C ILE B 190 -11.50 -17.56 -8.69
N LEU B 191 -12.15 -18.08 -7.64
CA LEU B 191 -11.79 -19.40 -7.05
C LEU B 191 -12.93 -20.40 -7.17
N LEU B 192 -12.56 -21.64 -7.50
CA LEU B 192 -13.49 -22.78 -7.38
C LEU B 192 -13.79 -22.99 -5.90
N CYS B 193 -15.02 -23.34 -5.56
CA CYS B 193 -15.37 -23.79 -4.20
C CYS B 193 -14.80 -25.19 -3.95
N ASN B 194 -14.91 -26.07 -4.94
CA ASN B 194 -14.49 -27.50 -4.87
C ASN B 194 -13.79 -27.86 -6.17
N PRO B 195 -12.70 -28.64 -6.10
CA PRO B 195 -11.86 -28.92 -7.27
C PRO B 195 -12.55 -29.52 -8.50
N LYS B 196 -13.59 -30.32 -8.31
CA LYS B 196 -14.24 -31.06 -9.44
C LYS B 196 -15.65 -30.51 -9.70
N ARG B 197 -15.96 -29.31 -9.22
CA ARG B 197 -17.31 -28.70 -9.38
C ARG B 197 -17.14 -27.32 -10.02
N SER B 198 -18.24 -26.72 -10.44
CA SER B 198 -18.21 -25.50 -11.28
C SER B 198 -18.52 -24.26 -10.42
N ALA B 199 -18.83 -24.43 -9.15
CA ALA B 199 -19.17 -23.32 -8.25
C ALA B 199 -17.95 -22.40 -8.06
N ILE B 200 -18.13 -21.08 -8.15
CA ILE B 200 -16.97 -20.14 -8.03
C ILE B 200 -17.36 -18.97 -7.15
N LYS B 201 -16.35 -18.32 -6.57
CA LYS B 201 -16.46 -17.07 -5.79
C LYS B 201 -15.35 -16.09 -6.20
N ILE B 202 -15.67 -14.79 -6.13
CA ILE B 202 -14.71 -13.69 -6.34
C ILE B 202 -13.97 -13.51 -5.03
N VAL B 203 -12.65 -13.31 -5.11
CA VAL B 203 -11.81 -13.01 -3.94
C VAL B 203 -11.02 -11.74 -4.23
N ASP B 204 -10.38 -11.25 -3.18
CA ASP B 204 -9.35 -10.18 -3.20
C ASP B 204 -10.00 -8.81 -3.48
N PHE B 205 -10.56 -8.22 -2.45
CA PHE B 205 -11.12 -6.84 -2.55
C PHE B 205 -10.09 -5.79 -2.12
N GLY B 206 -8.79 -6.11 -2.22
CA GLY B 206 -7.75 -5.20 -1.70
C GLY B 206 -7.58 -3.95 -2.55
N SER B 207 -7.92 -4.00 -3.84
CA SER B 207 -7.85 -2.80 -4.72
C SER B 207 -9.23 -2.20 -4.96
N SER B 208 -10.24 -2.61 -4.21
CA SER B 208 -11.65 -2.24 -4.49
C SER B 208 -12.00 -0.84 -3.96
N CYS B 209 -13.12 -0.33 -4.40
CA CYS B 209 -13.65 0.95 -3.89
C CYS B 209 -15.16 0.94 -4.05
N GLN B 210 -15.80 1.91 -3.45
CA GLN B 210 -17.22 2.21 -3.68
C GLN B 210 -17.33 3.33 -4.71
N LEU B 211 -18.40 3.33 -5.49
CA LEU B 211 -18.66 4.35 -6.52
C LEU B 211 -18.49 5.74 -5.88
N GLY B 212 -17.89 6.70 -6.58
CA GLY B 212 -17.84 8.11 -6.14
C GLY B 212 -16.63 8.42 -5.28
N GLN B 213 -15.62 7.54 -5.30
CA GLN B 213 -14.28 7.81 -4.70
C GLN B 213 -13.45 8.59 -5.72
N ARG B 214 -12.28 9.06 -5.30
CA ARG B 214 -11.33 9.82 -6.15
C ARG B 214 -11.06 8.96 -7.39
N ILE B 215 -11.03 9.58 -8.58
CA ILE B 215 -10.70 8.88 -9.86
C ILE B 215 -9.17 8.71 -9.93
N TYR B 216 -8.72 7.47 -10.14
CA TYR B 216 -7.28 7.06 -10.22
C TYR B 216 -6.98 6.63 -11.65
N GLN B 217 -5.75 6.83 -12.09
CA GLN B 217 -5.26 6.16 -13.31
C GLN B 217 -4.62 4.85 -12.87
N PTR B 218 -4.41 3.98 -13.86
CA PTR B 218 -3.64 2.78 -13.75
C PTR B 218 -4.29 1.81 -12.76
O PTR B 218 -3.57 1.04 -12.17
CB PTR B 218 -2.20 3.13 -13.34
CG PTR B 218 -1.54 4.09 -14.30
CD1 PTR B 218 -1.15 3.63 -15.56
CD2 PTR B 218 -1.38 5.43 -14.01
CE1 PTR B 218 -0.57 4.48 -16.48
CE2 PTR B 218 -0.81 6.32 -14.92
CZ PTR B 218 -0.43 5.81 -16.16
OH PTR B 218 0.17 6.56 -17.16
P PTR B 218 -0.08 8.15 -17.34
O1P PTR B 218 0.40 8.28 -18.76
O2P PTR B 218 -1.54 8.45 -17.16
O3P PTR B 218 0.74 8.99 -16.38
N ILE B 219 -5.60 1.88 -12.53
CA ILE B 219 -6.26 0.82 -11.77
C ILE B 219 -6.61 -0.32 -12.76
N GLN B 220 -6.91 -1.48 -12.19
CA GLN B 220 -7.18 -2.78 -12.87
C GLN B 220 -5.85 -3.34 -13.34
N SER B 221 -5.71 -4.65 -13.43
CA SER B 221 -4.53 -5.28 -14.06
C SER B 221 -4.60 -4.96 -15.54
N ARG B 222 -3.45 -4.63 -16.13
CA ARG B 222 -3.39 -4.10 -17.52
C ARG B 222 -4.24 -4.92 -18.51
N PHE B 223 -4.14 -6.27 -18.53
CA PHE B 223 -4.82 -7.07 -19.58
C PHE B 223 -6.35 -6.92 -19.48
N TYR B 224 -6.85 -6.58 -18.28
CA TYR B 224 -8.30 -6.54 -17.95
C TYR B 224 -8.75 -5.09 -17.79
N ARG B 225 -7.90 -4.14 -18.17
CA ARG B 225 -8.12 -2.69 -17.91
C ARG B 225 -9.05 -2.14 -18.99
N SER B 226 -10.11 -1.48 -18.55
CA SER B 226 -11.16 -0.84 -19.36
C SER B 226 -10.59 0.34 -20.15
N PRO B 227 -11.21 0.65 -21.31
CA PRO B 227 -10.80 1.80 -22.11
C PRO B 227 -10.94 3.12 -21.33
N GLU B 228 -12.01 3.27 -20.53
CA GLU B 228 -12.23 4.52 -19.72
C GLU B 228 -11.05 4.72 -18.76
N VAL B 229 -10.49 3.67 -18.16
CA VAL B 229 -9.31 3.86 -17.28
C VAL B 229 -8.06 4.17 -18.11
N LEU B 230 -7.86 3.47 -19.22
CA LEU B 230 -6.69 3.71 -20.12
C LEU B 230 -6.73 5.18 -20.58
N LEU B 231 -7.91 5.72 -20.83
CA LEU B 231 -8.10 7.08 -21.39
C LEU B 231 -8.14 8.14 -20.29
N GLY B 232 -8.02 7.76 -19.01
CA GLY B 232 -7.93 8.72 -17.89
C GLY B 232 -9.26 9.36 -17.60
N MET B 233 -10.35 8.68 -17.94
CA MET B 233 -11.72 9.18 -17.68
C MET B 233 -12.26 8.66 -16.34
N PRO B 234 -13.33 9.29 -15.80
CA PRO B 234 -14.02 8.77 -14.63
C PRO B 234 -14.58 7.35 -14.93
N TYR B 235 -14.80 6.57 -13.88
CA TYR B 235 -15.17 5.14 -14.04
C TYR B 235 -16.19 4.79 -12.97
N ASP B 236 -16.90 3.72 -13.27
CA ASP B 236 -18.00 3.22 -12.40
C ASP B 236 -17.94 1.70 -12.46
N LEU B 237 -19.02 1.03 -12.08
CA LEU B 237 -19.02 -0.44 -11.92
C LEU B 237 -18.86 -1.13 -13.28
N ALA B 238 -19.08 -0.40 -14.38
CA ALA B 238 -18.96 -0.94 -15.76
C ALA B 238 -17.55 -1.46 -16.02
N ILE B 239 -16.52 -0.96 -15.33
CA ILE B 239 -15.14 -1.39 -15.60
C ILE B 239 -15.04 -2.90 -15.27
N ASP B 240 -15.84 -3.40 -14.33
CA ASP B 240 -15.76 -4.82 -13.89
C ASP B 240 -16.39 -5.67 -15.00
N MET B 241 -17.40 -5.14 -15.68
CA MET B 241 -18.06 -5.89 -16.78
C MET B 241 -17.09 -5.98 -17.95
N TRP B 242 -16.32 -4.94 -18.20
CA TRP B 242 -15.25 -5.02 -19.24
C TRP B 242 -14.30 -6.16 -18.90
N SER B 243 -13.76 -6.17 -17.69
CA SER B 243 -12.82 -7.23 -17.22
C SER B 243 -13.49 -8.59 -17.44
N LEU B 244 -14.75 -8.71 -17.06
CA LEU B 244 -15.49 -10.01 -17.22
C LEU B 244 -15.53 -10.47 -18.68
N GLY B 245 -15.88 -9.62 -19.65
CA GLY B 245 -15.78 -9.98 -21.08
C GLY B 245 -14.41 -10.55 -21.45
N CYS B 246 -13.33 -9.90 -21.01
CA CYS B 246 -11.95 -10.36 -21.31
C CYS B 246 -11.68 -11.74 -20.66
N ILE B 247 -12.14 -11.91 -19.43
CA ILE B 247 -11.96 -13.16 -18.65
C ILE B 247 -12.68 -14.31 -19.35
N LEU B 248 -13.93 -14.10 -19.77
CA LEU B 248 -14.75 -15.19 -20.33
C LEU B 248 -14.17 -15.69 -21.66
N VAL B 249 -13.66 -14.79 -22.49
CA VAL B 249 -12.97 -15.19 -23.76
C VAL B 249 -11.78 -16.06 -23.37
N GLU B 250 -10.95 -15.59 -22.43
CA GLU B 250 -9.73 -16.27 -21.97
C GLU B 250 -10.08 -17.62 -21.38
N MET B 251 -11.15 -17.74 -20.60
CA MET B 251 -11.50 -19.06 -20.00
C MET B 251 -11.78 -20.09 -21.11
N HIS B 252 -12.42 -19.69 -22.21
CA HIS B 252 -12.75 -20.60 -23.34
C HIS B 252 -11.53 -20.81 -24.25
N THR B 253 -10.75 -19.79 -24.56
CA THR B 253 -9.62 -19.93 -25.53
C THR B 253 -8.35 -20.38 -24.84
N GLY B 254 -8.22 -20.13 -23.53
CA GLY B 254 -6.99 -20.42 -22.76
C GLY B 254 -5.98 -19.29 -22.77
N GLU B 255 -6.20 -18.18 -23.47
CA GLU B 255 -5.21 -17.08 -23.52
C GLU B 255 -5.87 -15.73 -23.33
N PRO B 256 -5.13 -14.74 -22.78
CA PRO B 256 -5.65 -13.39 -22.58
C PRO B 256 -6.09 -12.80 -23.92
N LEU B 257 -7.22 -12.12 -23.94
CA LEU B 257 -7.77 -11.53 -25.18
C LEU B 257 -6.88 -10.35 -25.62
N PHE B 258 -6.43 -9.55 -24.66
CA PHE B 258 -5.64 -8.32 -24.87
C PHE B 258 -4.43 -8.29 -23.96
N SER B 259 -3.29 -8.78 -24.45
CA SER B 259 -2.10 -9.00 -23.61
C SER B 259 -1.10 -7.84 -23.80
N GLY B 260 -1.47 -6.61 -23.45
CA GLY B 260 -0.57 -5.44 -23.62
C GLY B 260 0.63 -5.43 -22.66
N ALA B 261 1.80 -5.05 -23.16
CA ALA B 261 3.09 -4.91 -22.42
C ALA B 261 3.11 -3.58 -21.63
N ASN B 262 2.32 -2.62 -22.06
CA ASN B 262 2.21 -1.28 -21.45
C ASN B 262 0.87 -0.71 -21.93
N GLU B 263 0.49 0.49 -21.49
CA GLU B 263 -0.83 1.07 -21.81
C GLU B 263 -0.97 1.25 -23.33
N VAL B 264 0.10 1.67 -24.01
CA VAL B 264 0.06 1.91 -25.48
C VAL B 264 -0.26 0.61 -26.23
N ASP B 265 0.47 -0.46 -25.94
CA ASP B 265 0.28 -1.81 -26.52
C ASP B 265 -1.10 -2.36 -26.14
N GLN B 266 -1.55 -2.15 -24.90
CA GLN B 266 -2.88 -2.57 -24.42
C GLN B 266 -3.97 -1.90 -25.28
N MET B 267 -3.95 -0.57 -25.43
CA MET B 267 -4.96 0.14 -26.24
C MET B 267 -4.88 -0.33 -27.71
N ASN B 268 -3.68 -0.50 -28.24
CA ASN B 268 -3.50 -0.98 -29.63
C ASN B 268 -4.13 -2.38 -29.79
N LYS B 269 -3.98 -3.26 -28.81
CA LYS B 269 -4.52 -4.63 -28.94
C LYS B 269 -6.04 -4.61 -28.84
N ILE B 270 -6.62 -3.67 -28.09
CA ILE B 270 -8.10 -3.50 -27.96
C ILE B 270 -8.63 -3.01 -29.32
N VAL B 271 -7.87 -2.12 -29.95
CA VAL B 271 -8.26 -1.50 -31.25
C VAL B 271 -8.19 -2.53 -32.37
N GLU B 272 -7.19 -3.42 -32.37
CA GLU B 272 -7.08 -4.54 -33.35
C GLU B 272 -8.43 -5.23 -33.44
N VAL B 273 -9.06 -5.50 -32.28
CA VAL B 273 -10.34 -6.25 -32.19
C VAL B 273 -11.51 -5.31 -32.39
N LEU B 274 -11.56 -4.17 -31.71
CA LEU B 274 -12.83 -3.43 -31.60
C LEU B 274 -12.84 -2.17 -32.46
N GLY B 275 -11.74 -1.82 -33.13
CA GLY B 275 -11.66 -0.59 -33.94
C GLY B 275 -11.35 0.64 -33.10
N ILE B 276 -11.19 1.79 -33.75
CA ILE B 276 -10.96 3.11 -33.10
C ILE B 276 -12.15 3.37 -32.19
N PRO B 277 -11.95 3.81 -30.93
CA PRO B 277 -13.08 4.16 -30.06
C PRO B 277 -13.87 5.33 -30.66
N PRO B 278 -15.16 5.46 -30.35
CA PRO B 278 -15.94 6.57 -30.88
C PRO B 278 -15.37 7.95 -30.48
N ALA B 279 -15.55 8.91 -31.40
CA ALA B 279 -15.03 10.29 -31.37
C ALA B 279 -15.57 10.98 -30.12
N HIS B 280 -16.85 10.76 -29.79
CA HIS B 280 -17.49 11.40 -28.60
C HIS B 280 -16.75 11.00 -27.33
N ILE B 281 -16.13 9.81 -27.28
CA ILE B 281 -15.30 9.43 -26.10
C ILE B 281 -13.92 10.07 -26.26
N LEU B 282 -13.28 9.94 -27.41
CA LEU B 282 -11.88 10.40 -27.58
C LEU B 282 -11.78 11.93 -27.38
N ASP B 283 -12.82 12.69 -27.77
CA ASP B 283 -12.88 14.18 -27.64
C ASP B 283 -12.88 14.58 -26.16
N GLN B 284 -13.47 13.76 -25.27
CA GLN B 284 -13.55 14.04 -23.80
C GLN B 284 -12.38 13.40 -23.01
N ALA B 285 -11.49 12.63 -23.63
CA ALA B 285 -10.53 11.75 -22.90
C ALA B 285 -9.22 12.47 -22.62
N PRO B 286 -8.85 12.71 -21.33
CA PRO B 286 -7.58 13.36 -21.01
C PRO B 286 -6.34 12.69 -21.63
N LYS B 287 -6.40 11.38 -21.86
CA LYS B 287 -5.24 10.62 -22.38
C LYS B 287 -5.48 10.18 -23.82
N ALA B 288 -6.45 10.73 -24.56
CA ALA B 288 -6.65 10.38 -26.00
C ALA B 288 -5.31 10.45 -26.74
N ARG B 289 -4.48 11.47 -26.47
CA ARG B 289 -3.26 11.73 -27.29
C ARG B 289 -2.08 10.91 -26.76
N LYS B 290 -2.26 10.05 -25.75
CA LYS B 290 -1.25 9.00 -25.49
C LYS B 290 -1.27 7.94 -26.60
N PHE B 291 -2.41 7.70 -27.23
CA PHE B 291 -2.63 6.52 -28.12
C PHE B 291 -3.00 6.94 -29.55
N PHE B 292 -3.74 8.04 -29.67
CA PHE B 292 -4.38 8.49 -30.93
C PHE B 292 -3.80 9.86 -31.34
N GLU B 293 -3.79 10.12 -32.66
CA GLU B 293 -3.57 11.48 -33.24
C GLU B 293 -4.68 11.75 -34.26
N LYS B 294 -4.58 12.87 -34.96
CA LYS B 294 -5.52 13.21 -36.06
C LYS B 294 -4.73 13.23 -37.38
N LEU B 295 -5.26 12.51 -38.37
CA LEU B 295 -4.90 12.65 -39.81
C LEU B 295 -5.35 14.03 -40.31
N PRO B 296 -4.75 14.56 -41.40
CA PRO B 296 -5.06 15.90 -41.90
C PRO B 296 -6.55 16.22 -42.12
N ASP B 297 -7.42 15.21 -42.32
CA ASP B 297 -8.89 15.39 -42.49
C ASP B 297 -9.62 15.51 -41.13
N GLY B 298 -8.90 15.46 -40.00
CA GLY B 298 -9.44 15.69 -38.65
C GLY B 298 -10.09 14.46 -38.01
N THR B 299 -9.88 13.25 -38.54
CA THR B 299 -10.46 12.01 -37.93
C THR B 299 -9.40 11.36 -37.04
N TRP B 300 -9.86 10.79 -35.93
CA TRP B 300 -9.03 10.08 -34.92
C TRP B 300 -8.38 8.86 -35.55
N ASN B 301 -7.12 8.61 -35.24
CA ASN B 301 -6.26 7.58 -35.85
C ASN B 301 -5.26 7.11 -34.80
N LEU B 302 -4.76 5.89 -34.86
CA LEU B 302 -3.66 5.44 -33.96
C LEU B 302 -2.36 6.16 -34.30
N LYS B 303 -1.52 6.41 -33.29
CA LYS B 303 -0.07 6.59 -33.48
C LYS B 303 0.54 5.22 -33.74
N GLU B 311 3.22 -3.68 -36.97
CA GLU B 311 3.18 -4.22 -35.58
C GLU B 311 1.79 -4.78 -35.24
N TYR B 312 0.68 -4.15 -35.70
CA TYR B 312 -0.73 -4.47 -35.34
C TYR B 312 -1.61 -4.70 -36.59
N LYS B 313 -2.56 -5.63 -36.51
CA LYS B 313 -3.69 -5.74 -37.47
C LYS B 313 -4.43 -4.41 -37.54
N PRO B 314 -4.93 -3.98 -38.73
CA PRO B 314 -5.68 -2.73 -38.83
C PRO B 314 -6.91 -2.75 -37.92
N PRO B 315 -7.36 -1.55 -37.48
CA PRO B 315 -8.46 -1.43 -36.52
C PRO B 315 -9.68 -2.27 -36.87
N GLY B 316 -10.15 -3.09 -35.92
CA GLY B 316 -11.43 -3.83 -36.02
C GLY B 316 -11.35 -5.07 -36.90
N THR B 317 -10.17 -5.51 -37.33
CA THR B 317 -10.02 -6.64 -38.30
C THR B 317 -9.62 -7.96 -37.61
N ARG B 318 -9.19 -7.94 -36.33
CA ARG B 318 -9.00 -9.15 -35.49
C ARG B 318 -10.35 -9.50 -34.86
N LYS B 319 -11.13 -10.34 -35.50
CA LYS B 319 -12.56 -10.53 -35.12
C LYS B 319 -12.66 -11.56 -33.99
N LEU B 320 -13.51 -11.28 -33.04
CA LEU B 320 -13.87 -12.24 -31.97
C LEU B 320 -14.47 -13.50 -32.62
N HIS B 321 -15.17 -13.33 -33.77
CA HIS B 321 -15.75 -14.41 -34.59
C HIS B 321 -14.68 -15.46 -34.87
N ASN B 322 -13.48 -15.00 -35.24
CA ASN B 322 -12.34 -15.87 -35.60
C ASN B 322 -11.60 -16.30 -34.33
N ILE B 323 -11.41 -15.40 -33.33
CA ILE B 323 -10.73 -15.76 -32.05
C ILE B 323 -11.49 -16.93 -31.39
N LEU B 324 -12.81 -16.90 -31.37
CA LEU B 324 -13.63 -17.95 -30.70
C LEU B 324 -13.80 -19.20 -31.58
N GLY B 325 -13.46 -19.14 -32.87
CA GLY B 325 -13.67 -20.25 -33.83
C GLY B 325 -15.15 -20.59 -33.96
N VAL B 326 -15.99 -19.57 -34.10
CA VAL B 326 -17.47 -19.70 -34.11
C VAL B 326 -17.88 -20.84 -35.06
N GLU B 327 -17.25 -20.95 -36.24
CA GLU B 327 -17.70 -21.86 -37.35
C GLU B 327 -16.80 -23.08 -37.51
N THR B 328 -15.79 -23.22 -36.66
CA THR B 328 -14.68 -24.19 -36.87
C THR B 328 -14.56 -25.06 -35.61
N GLY B 329 -15.67 -25.24 -34.89
CA GLY B 329 -15.72 -26.13 -33.71
C GLY B 329 -14.97 -25.52 -32.53
N GLY B 330 -14.91 -24.19 -32.48
CA GLY B 330 -14.30 -23.41 -31.37
C GLY B 330 -12.79 -23.55 -31.31
N PRO B 331 -12.17 -23.12 -30.19
CA PRO B 331 -10.72 -23.18 -30.02
C PRO B 331 -10.12 -24.59 -30.24
N GLY B 332 -9.10 -24.68 -31.09
CA GLY B 332 -8.48 -25.96 -31.50
C GLY B 332 -9.44 -26.91 -32.21
N GLY B 333 -10.60 -26.44 -32.63
CA GLY B 333 -11.58 -27.19 -33.44
C GLY B 333 -12.16 -28.43 -32.77
N ARG B 334 -12.05 -28.63 -31.45
CA ARG B 334 -12.43 -29.96 -30.87
C ARG B 334 -13.91 -30.02 -30.50
N ARG B 335 -14.65 -28.93 -30.57
CA ARG B 335 -16.01 -28.87 -29.96
C ARG B 335 -17.07 -29.10 -31.04
N ALA B 336 -16.69 -29.33 -32.29
CA ALA B 336 -17.66 -29.53 -33.40
C ALA B 336 -18.65 -30.63 -32.98
N GLY B 337 -19.96 -30.33 -32.96
CA GLY B 337 -21.03 -31.31 -32.69
C GLY B 337 -21.24 -31.62 -31.22
N GLU B 338 -20.52 -30.97 -30.30
CA GLU B 338 -20.74 -31.12 -28.84
C GLU B 338 -22.04 -30.40 -28.42
N SER B 339 -22.75 -30.93 -27.42
CA SER B 339 -23.87 -30.24 -26.74
C SER B 339 -23.39 -28.86 -26.26
N GLY B 340 -24.24 -27.85 -26.41
CA GLY B 340 -24.00 -26.45 -25.96
C GLY B 340 -22.92 -25.72 -26.76
N HIS B 341 -22.41 -26.31 -27.85
CA HIS B 341 -21.29 -25.76 -28.66
C HIS B 341 -21.71 -25.62 -30.13
N THR B 342 -23.01 -25.49 -30.42
CA THR B 342 -23.49 -25.28 -31.81
C THR B 342 -22.99 -23.91 -32.32
N VAL B 343 -23.00 -23.71 -33.63
CA VAL B 343 -22.69 -22.37 -34.21
C VAL B 343 -23.59 -21.32 -33.55
N ALA B 344 -24.86 -21.62 -33.34
CA ALA B 344 -25.82 -20.66 -32.72
C ALA B 344 -25.39 -20.33 -31.27
N ASP B 345 -24.91 -21.30 -30.52
CA ASP B 345 -24.40 -21.09 -29.13
C ASP B 345 -23.19 -20.14 -29.17
N TYR B 346 -22.31 -20.34 -30.12
CA TYR B 346 -21.08 -19.52 -30.29
C TYR B 346 -21.45 -18.12 -30.70
N LEU B 347 -22.50 -17.98 -31.50
CA LEU B 347 -22.99 -16.64 -31.93
C LEU B 347 -23.59 -15.90 -30.74
N LYS B 348 -24.27 -16.62 -29.85
CA LYS B 348 -24.83 -15.98 -28.63
C LYS B 348 -23.68 -15.57 -27.72
N PHE B 349 -22.68 -16.42 -27.54
CA PHE B 349 -21.50 -16.11 -26.71
C PHE B 349 -20.82 -14.84 -27.25
N LYS B 350 -20.57 -14.79 -28.56
CA LYS B 350 -19.88 -13.66 -29.24
C LYS B 350 -20.66 -12.38 -28.97
N ASP B 351 -21.99 -12.46 -29.06
CA ASP B 351 -22.86 -11.26 -28.91
C ASP B 351 -22.73 -10.75 -27.48
N LEU B 352 -22.82 -11.64 -26.49
CA LEU B 352 -22.73 -11.27 -25.06
C LEU B 352 -21.36 -10.62 -24.83
N ILE B 353 -20.28 -11.22 -25.33
CA ILE B 353 -18.92 -10.67 -25.10
C ILE B 353 -18.86 -9.27 -25.71
N LEU B 354 -19.32 -9.09 -26.94
CA LEU B 354 -19.25 -7.76 -27.63
C LEU B 354 -20.06 -6.72 -26.83
N ARG B 355 -21.13 -7.11 -26.13
CA ARG B 355 -21.91 -6.16 -25.29
C ARG B 355 -21.11 -5.84 -24.02
N MET B 356 -20.34 -6.79 -23.51
CA MET B 356 -19.48 -6.57 -22.32
C MET B 356 -18.33 -5.66 -22.75
N LEU B 357 -17.90 -5.73 -24.01
CA LEU B 357 -16.72 -4.97 -24.47
C LEU B 357 -17.16 -3.72 -25.24
N ASP B 358 -18.34 -3.19 -24.95
CA ASP B 358 -18.78 -1.86 -25.43
C ASP B 358 -17.79 -0.80 -24.94
N TYR B 359 -17.23 -0.02 -25.87
CA TYR B 359 -16.32 1.10 -25.55
C TYR B 359 -17.03 2.10 -24.63
N ASP B 360 -18.35 2.21 -24.76
CA ASP B 360 -19.14 3.25 -24.04
C ASP B 360 -19.64 2.66 -22.73
N PRO B 361 -19.10 3.09 -21.57
CA PRO B 361 -19.51 2.53 -20.28
C PRO B 361 -20.97 2.76 -19.94
N LYS B 362 -21.60 3.72 -20.64
CA LYS B 362 -23.02 4.07 -20.43
C LYS B 362 -23.88 2.96 -21.04
N THR B 363 -23.50 2.42 -22.19
CA THR B 363 -24.33 1.43 -22.96
C THR B 363 -23.77 0.01 -22.79
N ARG B 364 -22.63 -0.15 -22.12
CA ARG B 364 -22.06 -1.48 -21.84
C ARG B 364 -23.13 -2.29 -21.12
N ILE B 365 -23.29 -3.58 -21.44
CA ILE B 365 -24.35 -4.40 -20.79
C ILE B 365 -24.18 -4.38 -19.26
N GLN B 366 -25.30 -4.35 -18.55
CA GLN B 366 -25.36 -4.33 -17.06
C GLN B 366 -25.69 -5.75 -16.63
N PRO B 367 -25.27 -6.13 -15.40
CA PRO B 367 -25.39 -7.49 -14.93
C PRO B 367 -26.78 -8.12 -15.12
N TYR B 368 -27.85 -7.40 -14.77
CA TYR B 368 -29.22 -7.98 -14.81
C TYR B 368 -29.57 -8.42 -16.25
N TYR B 369 -29.27 -7.57 -17.22
CA TYR B 369 -29.55 -7.79 -18.66
C TYR B 369 -28.58 -8.81 -19.24
N ALA B 370 -27.33 -8.87 -18.78
CA ALA B 370 -26.41 -9.98 -19.14
C ALA B 370 -27.09 -11.31 -18.80
N LEU B 371 -27.66 -11.40 -17.59
CA LEU B 371 -28.26 -12.66 -17.09
C LEU B 371 -29.50 -13.06 -17.91
N GLN B 372 -30.15 -12.14 -18.60
CA GLN B 372 -31.32 -12.48 -19.45
C GLN B 372 -30.85 -12.83 -20.85
N HIS B 373 -29.56 -12.65 -21.19
CA HIS B 373 -29.06 -12.94 -22.57
C HIS B 373 -29.40 -14.38 -22.96
N SER B 374 -29.67 -14.61 -24.24
CA SER B 374 -30.02 -15.96 -24.79
C SER B 374 -28.84 -16.94 -24.63
N PHE B 375 -27.63 -16.45 -24.41
CA PHE B 375 -26.47 -17.34 -24.16
C PHE B 375 -26.77 -18.24 -22.97
N PHE B 376 -27.55 -17.76 -22.00
CA PHE B 376 -27.80 -18.49 -20.74
C PHE B 376 -29.00 -19.41 -20.82
N LYS B 377 -29.72 -19.55 -21.94
CA LYS B 377 -30.82 -20.56 -22.00
C LYS B 377 -30.28 -21.99 -21.77
N LYS B 378 -29.05 -22.27 -22.27
CA LYS B 378 -28.24 -23.53 -22.17
C LYS B 378 -28.63 -24.47 -23.32
N9 ANP C . 16.54 10.18 -0.82
C8 ANP C . 15.15 10.20 -0.91
N7 ANP C . 14.69 11.38 -1.26
C5 ANP C . 15.83 12.16 -1.43
C6 ANP C . 16.00 13.50 -1.80
N6 ANP C . 14.98 14.30 -2.06
N1 ANP C . 17.27 13.98 -1.88
C2 ANP C . 18.28 13.15 -1.59
N3 ANP C . 18.24 11.87 -1.23
C4 ANP C . 16.97 11.43 -1.17
PG ANP D . 0.17 -10.17 -5.17
O1G ANP D . 0.02 -9.36 -3.88
O2G ANP D . 1.66 -10.31 -5.46
O3G ANP D . -0.52 -9.36 -6.24
PB ANP D . -1.87 -12.24 -5.62
O1B ANP D . -2.99 -11.53 -4.88
O2B ANP D . -1.81 -12.16 -7.13
N3B ANP D . -0.42 -11.72 -5.08
PA ANP D . -1.23 -15.05 -4.76
O1A ANP D . -0.03 -14.42 -4.14
O2A ANP D . -1.03 -16.20 -5.70
O3A ANP D . -2.07 -13.82 -5.40
O5' ANP D . -2.33 -15.42 -3.63
C5' ANP D . -2.12 -16.43 -2.65
C4' ANP D . -3.00 -17.62 -2.97
O4' ANP D . -4.09 -17.70 -2.01
C3' ANP D . -3.64 -17.65 -4.35
O3' ANP D . -3.25 -18.86 -4.99
C2' ANP D . -5.14 -17.66 -4.07
O2' ANP D . -5.82 -18.36 -5.07
C1' ANP D . -5.18 -18.30 -2.67
N9 ANP D . -6.40 -18.02 -1.90
C8 ANP D . -6.93 -16.77 -1.66
N7 ANP D . -8.04 -16.83 -0.94
C5 ANP D . -8.24 -18.20 -0.73
C6 ANP D . -9.26 -18.90 -0.08
N6 ANP D . -10.32 -18.30 0.50
N1 ANP D . -9.18 -20.26 -0.07
C2 ANP D . -8.12 -20.83 -0.65
N3 ANP D . -7.11 -20.28 -1.32
C4 ANP D . -7.23 -18.94 -1.31
#